data_2P6B
#
_entry.id   2P6B
#
_cell.length_a   86.104
_cell.length_b   89.155
_cell.length_c   157.685
_cell.angle_alpha   90.000
_cell.angle_beta   90.000
_cell.angle_gamma   90.000
#
_symmetry.space_group_name_H-M   'P 21 21 21'
#
loop_
_entity.id
_entity.type
_entity.pdbx_description
1 polymer 'PVIVIT 14-mer Peptide'
2 polymer 'Calmodulin-dependent calcineurin A subunit alpha isoform'
3 polymer 'Calcineurin subunit B isoform 1'
4 non-polymer 'ZINC ION'
5 non-polymer 'FE (III) ION'
6 non-polymer 'PHOSPHATE ION'
7 non-polymer 'CALCIUM ION'
8 water water
#
loop_
_entity_poly.entity_id
_entity_poly.type
_entity_poly.pdbx_seq_one_letter_code
_entity_poly.pdbx_strand_id
1 'polypeptide(L)' GPHPVIVITGPHEE(NH2) E
2 'polypeptide(L)'
;GSHMSEPKAIDPKLSTTDRVVKAVPFPPSHRLTAKEVFDNDGKPRVDILKAHLMKEGRLEESVALRIITEGASILRQEKN
LLDIDAPVTVCGDIHGQFFDLMKLFEVGGSPANTRYLFLGDYVDRGYFSIECVLYLWALKILYPKTLFLLRGNHECRHLT
EYFTFKQECKIKYSERVYDACMDAFDCLPLAALMNQQFLCVHGGLSPEINTLDDIRKLDRFKEPPAYGPMCDILWSDPLE
DFGNEKTQEHFTHNTVRGCSYFYSYPAVCEFLQHNNLLSILRAHEAQDAGYRMYRKSQTTGFPSLITIFSAPNYLDVYNN
KAAVLKYENNVMNIRQFNCSPHPYWLPNFMDVFTWSLPFVGEKVTEMLVNVLNICSDDELGSE
;
A,C
3 'polypeptide(L)'
;MDADEIKRLGKRFKKLDLDNSGSLSVEEFMSLPELQQNPLVQRVIDIFDTDGNGEVDFKEFIEGVSQFSVKGDKEQKLRF
AFRIYDMDKDGYISNGELFQVLKMMVGNNLKDTQLQQIVDKTIINADKDGDGRISFEEFCAVVGGLDIHKKMVVDV
;
B,D
#
# COMPACT_ATOMS: atom_id res chain seq x y z
N PRO A 2 18.90 -27.19 -14.43
CA PRO A 2 19.46 -26.66 -15.71
C PRO A 2 18.62 -25.50 -16.21
N HIS A 3 17.35 -25.50 -15.84
CA HIS A 3 16.41 -24.46 -16.25
C HIS A 3 16.26 -23.40 -15.16
N PRO A 4 15.90 -22.16 -15.57
CA PRO A 4 15.73 -21.04 -14.65
C PRO A 4 14.63 -21.24 -13.61
N VAL A 5 14.82 -20.62 -12.45
CA VAL A 5 13.83 -20.69 -11.38
C VAL A 5 13.01 -19.42 -11.47
N ILE A 6 11.73 -19.49 -11.10
CA ILE A 6 10.88 -18.32 -11.19
C ILE A 6 10.64 -17.67 -9.84
N VAL A 7 11.02 -16.39 -9.76
CA VAL A 7 10.87 -15.58 -8.56
C VAL A 7 9.87 -14.47 -8.86
N ILE A 8 8.78 -14.46 -8.11
CA ILE A 8 7.76 -13.44 -8.27
C ILE A 8 7.82 -12.45 -7.11
N THR A 9 8.03 -11.18 -7.43
CA THR A 9 8.12 -10.14 -6.43
C THR A 9 7.18 -8.98 -6.76
N GLY A 10 6.99 -8.10 -5.81
CA GLY A 10 6.11 -6.96 -6.01
C GLY A 10 4.80 -7.15 -5.27
N PRO A 11 3.81 -6.27 -5.49
CA PRO A 11 3.87 -5.13 -6.40
C PRO A 11 4.94 -4.10 -6.04
N HIS A 12 5.91 -3.91 -6.93
CA HIS A 12 7.00 -2.95 -6.72
C HIS A 12 6.43 -1.54 -6.78
N GLU A 13 6.13 -0.99 -5.60
CA GLU A 13 5.56 0.34 -5.48
C GLU A 13 6.45 1.45 -6.03
N GLU A 14 7.76 1.23 -6.02
CA GLU A 14 8.71 2.22 -6.53
C GLU A 14 9.56 1.66 -7.68
N THR B 17 -5.78 34.36 -13.61
CA THR B 17 -7.00 34.02 -14.42
C THR B 17 -8.08 33.46 -13.50
N ASP B 18 -9.26 33.22 -14.05
CA ASP B 18 -10.38 32.69 -13.27
C ASP B 18 -10.44 31.15 -13.28
N ARG B 19 -9.32 30.49 -13.57
CA ARG B 19 -9.27 29.04 -13.59
C ARG B 19 -9.72 28.53 -12.22
N VAL B 20 -10.77 27.70 -12.22
CA VAL B 20 -11.33 27.17 -10.98
C VAL B 20 -10.46 26.24 -10.15
N VAL B 21 -10.05 25.11 -10.73
CA VAL B 21 -9.23 24.16 -10.00
C VAL B 21 -7.73 24.42 -10.18
N LYS B 22 -7.24 25.43 -9.47
CA LYS B 22 -5.83 25.84 -9.51
C LYS B 22 -4.90 24.65 -9.30
N ALA B 23 -5.28 23.79 -8.35
CA ALA B 23 -4.49 22.62 -8.01
C ALA B 23 -4.08 21.76 -9.20
N VAL B 24 -4.97 21.64 -10.18
CA VAL B 24 -4.69 20.84 -11.37
C VAL B 24 -3.69 21.49 -12.33
N PRO B 25 -2.69 20.71 -12.77
CA PRO B 25 -1.64 21.17 -13.70
C PRO B 25 -2.19 21.44 -15.10
N PHE B 26 -1.86 22.61 -15.64
CA PHE B 26 -2.31 23.03 -16.97
C PHE B 26 -1.28 22.55 -17.99
N PRO B 27 -1.71 21.82 -19.03
CA PRO B 27 -0.78 21.33 -20.05
C PRO B 27 -0.10 22.45 -20.80
N PRO B 28 1.16 22.26 -21.19
CA PRO B 28 1.86 23.32 -21.91
C PRO B 28 1.30 23.37 -23.33
N SER B 29 1.19 24.57 -23.89
CA SER B 29 0.67 24.73 -25.24
C SER B 29 1.82 24.80 -26.23
N HIS B 30 3.04 24.98 -25.72
CA HIS B 30 4.22 25.06 -26.57
C HIS B 30 4.58 23.69 -27.11
N ARG B 31 4.78 23.61 -28.43
CA ARG B 31 5.13 22.35 -29.07
C ARG B 31 6.63 22.26 -29.29
N LEU B 32 7.24 21.17 -28.81
CA LEU B 32 8.68 20.99 -28.96
C LEU B 32 9.13 20.93 -30.41
N THR B 33 10.15 21.73 -30.72
CA THR B 33 10.72 21.79 -32.06
C THR B 33 11.77 20.69 -32.26
N ALA B 34 12.24 20.55 -33.49
CA ALA B 34 13.24 19.55 -33.80
C ALA B 34 14.52 19.82 -33.00
N LYS B 35 14.85 21.10 -32.87
CA LYS B 35 16.04 21.52 -32.16
C LYS B 35 16.05 21.07 -30.69
N GLU B 36 14.89 21.14 -30.05
CA GLU B 36 14.77 20.76 -28.65
C GLU B 36 14.67 19.25 -28.41
N VAL B 37 14.16 18.53 -29.41
CA VAL B 37 14.00 17.08 -29.26
C VAL B 37 15.26 16.32 -29.68
N PHE B 38 15.86 16.73 -30.78
CA PHE B 38 17.07 16.08 -31.29
C PHE B 38 18.31 16.95 -31.07
N ASP B 39 19.35 16.37 -30.46
CA ASP B 39 20.59 17.11 -30.26
C ASP B 39 21.31 17.08 -31.60
N ASN B 40 22.42 17.82 -31.72
CA ASN B 40 23.15 17.86 -32.99
C ASN B 40 23.85 16.58 -33.41
N ASP B 41 23.73 15.55 -32.58
CA ASP B 41 24.34 14.25 -32.87
C ASP B 41 23.27 13.34 -33.47
N GLY B 42 22.04 13.84 -33.56
CA GLY B 42 20.96 13.05 -34.11
C GLY B 42 20.22 12.22 -33.07
N LYS B 43 20.74 12.20 -31.85
CA LYS B 43 20.13 11.45 -30.76
C LYS B 43 19.01 12.25 -30.09
N PRO B 44 17.87 11.60 -29.81
CA PRO B 44 16.74 12.27 -29.18
C PRO B 44 16.91 12.45 -27.66
N ARG B 45 16.45 13.57 -27.15
CA ARG B 45 16.53 13.86 -25.71
C ARG B 45 15.33 13.25 -25.02
N VAL B 46 15.37 11.94 -24.86
CA VAL B 46 14.27 11.20 -24.24
C VAL B 46 13.80 11.73 -22.88
N ASP B 47 14.71 12.27 -22.08
CA ASP B 47 14.34 12.78 -20.76
C ASP B 47 13.49 14.06 -20.91
N ILE B 48 13.82 14.87 -21.90
CA ILE B 48 13.07 16.09 -22.16
C ILE B 48 11.73 15.66 -22.73
N LEU B 49 11.79 14.70 -23.65
CA LEU B 49 10.61 14.16 -24.28
C LEU B 49 9.65 13.61 -23.22
N LYS B 50 10.19 12.82 -22.30
CA LYS B 50 9.38 12.24 -21.23
C LYS B 50 8.66 13.32 -20.43
N ALA B 51 9.42 14.25 -19.86
CA ALA B 51 8.86 15.33 -19.07
C ALA B 51 7.76 16.09 -19.81
N HIS B 52 7.99 16.33 -21.10
CA HIS B 52 7.01 17.05 -21.89
C HIS B 52 5.76 16.20 -22.09
N LEU B 53 5.91 14.99 -22.64
CA LEU B 53 4.77 14.11 -22.86
C LEU B 53 3.99 13.86 -21.59
N MET B 54 4.67 13.71 -20.47
CA MET B 54 3.98 13.48 -19.20
C MET B 54 3.08 14.64 -18.80
N LYS B 55 3.34 15.82 -19.34
CA LYS B 55 2.50 16.98 -19.03
C LYS B 55 1.40 17.11 -20.08
N GLU B 56 1.29 16.10 -20.93
CA GLU B 56 0.29 16.10 -21.99
C GLU B 56 0.68 17.17 -22.98
N GLY B 57 1.98 17.28 -23.24
CA GLY B 57 2.47 18.26 -24.18
C GLY B 57 2.54 17.62 -25.55
N ARG B 58 2.66 18.44 -26.58
CA ARG B 58 2.76 17.92 -27.93
C ARG B 58 4.06 18.34 -28.58
N LEU B 59 4.44 17.63 -29.63
CA LEU B 59 5.63 17.95 -30.38
C LEU B 59 5.12 18.51 -31.69
N GLU B 60 5.93 19.28 -32.40
CA GLU B 60 5.49 19.81 -33.68
C GLU B 60 5.26 18.59 -34.56
N GLU B 61 4.19 18.62 -35.35
CA GLU B 61 3.85 17.50 -36.22
C GLU B 61 5.08 16.94 -36.92
N SER B 62 5.91 17.82 -37.48
CA SER B 62 7.11 17.40 -38.20
C SER B 62 8.11 16.65 -37.31
N VAL B 63 8.17 17.01 -36.03
CA VAL B 63 9.10 16.34 -35.12
C VAL B 63 8.59 14.92 -34.83
N ALA B 64 7.30 14.80 -34.53
CA ALA B 64 6.70 13.49 -34.28
C ALA B 64 6.88 12.63 -35.52
N LEU B 65 6.76 13.27 -36.69
CA LEU B 65 6.91 12.59 -37.97
C LEU B 65 8.34 12.06 -38.11
N ARG B 66 9.31 12.87 -37.69
CA ARG B 66 10.71 12.46 -37.77
C ARG B 66 10.96 11.29 -36.83
N ILE B 67 10.45 11.40 -35.61
CA ILE B 67 10.60 10.31 -34.64
C ILE B 67 10.05 9.01 -35.22
N ILE B 68 8.84 9.08 -35.75
CA ILE B 68 8.16 7.92 -36.32
C ILE B 68 8.88 7.34 -37.55
N THR B 69 9.35 8.19 -38.45
CA THR B 69 10.03 7.70 -39.64
C THR B 69 11.41 7.13 -39.35
N GLU B 70 12.18 7.81 -38.52
CA GLU B 70 13.51 7.32 -38.18
C GLU B 70 13.40 6.01 -37.41
N GLY B 71 12.40 5.92 -36.55
CA GLY B 71 12.20 4.69 -35.80
C GLY B 71 11.85 3.55 -36.76
N ALA B 72 11.03 3.86 -37.76
CA ALA B 72 10.62 2.87 -38.76
C ALA B 72 11.84 2.40 -39.54
N SER B 73 12.70 3.34 -39.91
CA SER B 73 13.92 3.04 -40.65
C SER B 73 14.73 1.97 -39.94
N ILE B 74 14.93 2.15 -38.64
CA ILE B 74 15.68 1.18 -37.85
C ILE B 74 14.94 -0.17 -37.81
N LEU B 75 13.66 -0.15 -37.46
CA LEU B 75 12.87 -1.37 -37.40
C LEU B 75 12.89 -2.11 -38.73
N ARG B 76 12.79 -1.36 -39.82
CA ARG B 76 12.79 -1.92 -41.16
C ARG B 76 14.04 -2.77 -41.46
N GLN B 77 15.15 -2.45 -40.81
CA GLN B 77 16.39 -3.18 -41.04
C GLN B 77 16.47 -4.46 -40.22
N GLU B 78 15.66 -4.58 -39.18
CA GLU B 78 15.67 -5.76 -38.32
C GLU B 78 15.03 -6.98 -38.97
N LYS B 79 15.25 -8.16 -38.38
CA LYS B 79 14.70 -9.40 -38.91
C LYS B 79 13.33 -9.78 -38.35
N ASN B 80 12.60 -10.61 -39.09
CA ASN B 80 11.28 -11.05 -38.65
C ASN B 80 11.39 -11.66 -37.27
N LEU B 81 12.45 -12.44 -37.08
CA LEU B 81 12.72 -13.10 -35.81
C LEU B 81 14.01 -12.55 -35.20
N LEU B 82 13.85 -11.69 -34.20
CA LEU B 82 14.99 -11.08 -33.52
C LEU B 82 15.79 -12.07 -32.68
N ASP B 83 17.10 -11.84 -32.58
CA ASP B 83 18.00 -12.67 -31.77
C ASP B 83 18.33 -11.85 -30.54
N ILE B 84 17.72 -12.17 -29.41
CA ILE B 84 17.95 -11.38 -28.21
C ILE B 84 18.66 -12.14 -27.09
N ASP B 85 19.75 -11.56 -26.61
CA ASP B 85 20.52 -12.17 -25.54
C ASP B 85 20.00 -11.79 -24.16
N ALA B 86 20.26 -12.67 -23.19
CA ALA B 86 19.88 -12.40 -21.80
C ALA B 86 21.07 -11.60 -21.29
N PRO B 87 20.87 -10.74 -20.28
CA PRO B 87 19.63 -10.42 -19.55
C PRO B 87 18.73 -9.50 -20.38
N VAL B 88 17.46 -9.50 -20.05
CA VAL B 88 16.51 -8.67 -20.79
C VAL B 88 15.22 -8.58 -20.01
N THR B 89 14.50 -7.48 -20.20
CA THR B 89 13.23 -7.30 -19.53
C THR B 89 12.14 -7.42 -20.59
N VAL B 90 11.27 -8.40 -20.41
CA VAL B 90 10.19 -8.66 -21.35
C VAL B 90 8.90 -8.04 -20.84
N CYS B 91 8.23 -7.30 -21.72
CA CYS B 91 6.99 -6.62 -21.35
C CYS B 91 5.82 -6.96 -22.25
N GLY B 92 4.64 -7.02 -21.64
CA GLY B 92 3.41 -7.31 -22.37
C GLY B 92 2.69 -6.05 -22.82
N ASP B 93 1.38 -6.14 -22.99
CA ASP B 93 0.53 -5.04 -23.46
C ASP B 93 0.68 -3.72 -22.72
N ILE B 94 0.60 -2.63 -23.47
CA ILE B 94 0.70 -1.29 -22.92
C ILE B 94 -0.62 -0.56 -23.15
N HIS B 95 -1.17 -0.72 -24.36
CA HIS B 95 -2.44 -0.11 -24.75
C HIS B 95 -2.61 1.35 -24.35
N GLY B 96 -1.72 2.21 -24.83
CA GLY B 96 -1.80 3.64 -24.57
C GLY B 96 -1.80 4.11 -23.14
N GLN B 97 -1.36 3.28 -22.20
CA GLN B 97 -1.33 3.70 -20.80
C GLN B 97 0.03 4.27 -20.46
N PHE B 98 0.35 5.39 -21.11
CA PHE B 98 1.63 6.08 -20.97
C PHE B 98 2.16 6.25 -19.55
N PHE B 99 1.30 6.64 -18.61
CA PHE B 99 1.73 6.87 -17.22
C PHE B 99 2.12 5.56 -16.52
N ASP B 100 1.57 4.44 -16.99
CA ASP B 100 1.92 3.16 -16.41
C ASP B 100 3.21 2.71 -17.08
N LEU B 101 3.46 3.21 -18.29
CA LEU B 101 4.68 2.87 -19.02
C LEU B 101 5.88 3.54 -18.32
N MET B 102 5.66 4.72 -17.76
CA MET B 102 6.74 5.43 -17.08
C MET B 102 7.16 4.62 -15.85
N LYS B 103 6.18 4.05 -15.16
CA LYS B 103 6.47 3.26 -13.99
C LYS B 103 7.05 1.91 -14.40
N LEU B 104 6.62 1.40 -15.55
CA LEU B 104 7.12 0.13 -16.04
C LEU B 104 8.64 0.21 -16.14
N PHE B 105 9.16 1.36 -16.57
CA PHE B 105 10.61 1.53 -16.70
C PHE B 105 11.33 1.66 -15.37
N GLU B 106 10.63 2.15 -14.34
CA GLU B 106 11.27 2.26 -13.03
C GLU B 106 11.46 0.82 -12.56
N VAL B 107 10.38 0.06 -12.64
CA VAL B 107 10.38 -1.33 -12.20
C VAL B 107 11.32 -2.26 -12.99
N GLY B 108 11.39 -2.08 -14.31
CA GLY B 108 12.23 -2.94 -15.11
C GLY B 108 13.66 -2.52 -15.35
N GLY B 109 14.00 -1.29 -15.01
CA GLY B 109 15.36 -0.81 -15.21
C GLY B 109 15.44 0.18 -16.35
N SER B 110 16.31 1.17 -16.19
CA SER B 110 16.50 2.20 -17.21
C SER B 110 17.02 1.62 -18.51
N PRO B 111 16.42 2.00 -19.65
CA PRO B 111 16.86 1.50 -20.95
C PRO B 111 18.30 1.93 -21.23
N ALA B 112 18.80 2.84 -20.41
CA ALA B 112 20.17 3.32 -20.55
C ALA B 112 21.13 2.20 -20.19
N ASN B 113 20.69 1.28 -19.34
CA ASN B 113 21.52 0.15 -18.94
C ASN B 113 20.70 -1.13 -18.78
N THR B 114 19.58 -1.20 -19.50
CA THR B 114 18.71 -2.37 -19.44
C THR B 114 18.18 -2.73 -20.82
N ARG B 115 18.35 -4.00 -21.20
CA ARG B 115 17.85 -4.48 -22.48
C ARG B 115 16.34 -4.74 -22.35
N TYR B 116 15.58 -4.29 -23.35
CA TYR B 116 14.12 -4.45 -23.34
C TYR B 116 13.54 -5.16 -24.56
N LEU B 117 12.44 -5.88 -24.33
CA LEU B 117 11.73 -6.58 -25.38
C LEU B 117 10.23 -6.39 -25.15
N PHE B 118 9.57 -5.66 -26.05
CA PHE B 118 8.13 -5.41 -25.94
C PHE B 118 7.38 -6.35 -26.88
N LEU B 119 6.28 -6.91 -26.42
CA LEU B 119 5.55 -7.87 -27.23
C LEU B 119 4.35 -7.33 -28.00
N GLY B 120 4.23 -6.01 -28.08
CA GLY B 120 3.13 -5.44 -28.84
C GLY B 120 1.96 -4.81 -28.11
N ASP B 121 0.97 -4.37 -28.88
CA ASP B 121 -0.23 -3.75 -28.35
C ASP B 121 0.13 -2.50 -27.54
N TYR B 122 0.77 -1.56 -28.22
CA TYR B 122 1.19 -0.29 -27.64
C TYR B 122 0.03 0.69 -27.71
N VAL B 123 -0.85 0.51 -28.71
CA VAL B 123 -1.96 1.42 -28.92
C VAL B 123 -3.39 0.89 -28.74
N ASP B 124 -4.34 1.82 -28.73
CA ASP B 124 -5.77 1.55 -28.57
C ASP B 124 -6.20 1.38 -27.12
N ARG B 125 -7.45 1.75 -26.86
CA ARG B 125 -8.09 1.67 -25.56
C ARG B 125 -7.58 2.73 -24.60
N GLY B 126 -6.27 2.85 -24.47
CA GLY B 126 -5.70 3.86 -23.60
C GLY B 126 -5.74 5.18 -24.34
N TYR B 127 -5.82 6.29 -23.62
CA TYR B 127 -5.91 7.58 -24.27
C TYR B 127 -4.58 8.31 -24.48
N PHE B 128 -3.47 7.57 -24.36
CA PHE B 128 -2.15 8.15 -24.56
C PHE B 128 -1.31 7.22 -25.45
N SER B 129 -1.94 6.69 -26.50
CA SER B 129 -1.26 5.80 -27.41
C SER B 129 -0.15 6.46 -28.24
N ILE B 130 -0.38 7.70 -28.69
CA ILE B 130 0.62 8.39 -29.50
C ILE B 130 1.87 8.71 -28.67
N GLU B 131 1.68 9.05 -27.41
CA GLU B 131 2.82 9.34 -26.54
C GLU B 131 3.63 8.05 -26.32
N CYS B 132 2.93 6.93 -26.14
CA CYS B 132 3.60 5.65 -25.96
C CYS B 132 4.43 5.37 -27.20
N VAL B 133 3.83 5.57 -28.37
CA VAL B 133 4.53 5.33 -29.63
C VAL B 133 5.74 6.25 -29.81
N LEU B 134 5.55 7.54 -29.54
CA LEU B 134 6.63 8.50 -29.70
C LEU B 134 7.79 8.25 -28.73
N TYR B 135 7.48 7.93 -27.48
CA TYR B 135 8.51 7.68 -26.49
C TYR B 135 9.29 6.41 -26.82
N LEU B 136 8.57 5.34 -27.17
CA LEU B 136 9.20 4.06 -27.50
C LEU B 136 10.03 4.17 -28.78
N TRP B 137 9.53 4.91 -29.76
CA TRP B 137 10.29 5.08 -31.00
C TRP B 137 11.53 5.91 -30.71
N ALA B 138 11.37 6.95 -29.89
CA ALA B 138 12.51 7.78 -29.53
C ALA B 138 13.55 6.90 -28.84
N LEU B 139 13.08 6.02 -27.95
CA LEU B 139 13.98 5.12 -27.24
C LEU B 139 14.64 4.14 -28.19
N LYS B 140 13.90 3.72 -29.22
CA LYS B 140 14.43 2.77 -30.19
C LYS B 140 15.53 3.43 -31.02
N ILE B 141 15.37 4.71 -31.30
CA ILE B 141 16.35 5.45 -32.07
C ILE B 141 17.61 5.60 -31.22
N LEU B 142 17.42 5.96 -29.96
CA LEU B 142 18.52 6.15 -29.02
C LEU B 142 19.25 4.85 -28.66
N TYR B 143 18.49 3.76 -28.46
CA TYR B 143 19.09 2.47 -28.11
C TYR B 143 18.74 1.40 -29.14
N PRO B 144 19.18 1.59 -30.39
CA PRO B 144 18.93 0.67 -31.50
C PRO B 144 19.17 -0.81 -31.22
N LYS B 145 20.23 -1.12 -30.49
CA LYS B 145 20.58 -2.51 -30.25
C LYS B 145 20.21 -3.10 -28.91
N THR B 146 19.54 -2.33 -28.05
CA THR B 146 19.20 -2.87 -26.74
C THR B 146 17.72 -2.81 -26.37
N LEU B 147 16.95 -2.06 -27.14
CA LEU B 147 15.52 -1.98 -26.89
C LEU B 147 14.85 -2.55 -28.13
N PHE B 148 13.99 -3.55 -27.93
CA PHE B 148 13.31 -4.19 -29.05
C PHE B 148 11.78 -4.12 -28.95
N LEU B 149 11.14 -4.02 -30.11
CA LEU B 149 9.70 -3.92 -30.17
C LEU B 149 9.14 -4.91 -31.18
N LEU B 150 8.15 -5.69 -30.76
CA LEU B 150 7.50 -6.65 -31.63
C LEU B 150 6.12 -6.09 -32.04
N ARG B 151 5.53 -6.67 -33.08
CA ARG B 151 4.21 -6.26 -33.53
C ARG B 151 3.13 -7.00 -32.74
N GLY B 152 2.10 -6.28 -32.33
CA GLY B 152 0.99 -6.87 -31.59
C GLY B 152 -0.18 -6.81 -32.55
N ASN B 153 -1.29 -7.47 -32.25
CA ASN B 153 -2.40 -7.44 -33.19
C ASN B 153 -3.02 -6.05 -33.41
N HIS B 154 -2.89 -5.16 -32.43
CA HIS B 154 -3.44 -3.81 -32.56
C HIS B 154 -2.61 -2.86 -33.42
N GLU B 155 -1.37 -3.23 -33.70
CA GLU B 155 -0.50 -2.39 -34.52
C GLU B 155 -0.84 -2.56 -35.99
N CYS B 156 -2.05 -2.17 -36.37
CA CYS B 156 -2.50 -2.29 -37.75
C CYS B 156 -3.61 -1.29 -38.00
N ARG B 157 -3.97 -1.13 -39.26
CA ARG B 157 -5.02 -0.19 -39.68
C ARG B 157 -6.41 -0.64 -39.26
N HIS B 158 -6.75 -1.88 -39.55
CA HIS B 158 -8.06 -2.42 -39.24
C HIS B 158 -8.49 -2.18 -37.79
N LEU B 159 -7.60 -2.43 -36.83
CA LEU B 159 -7.96 -2.22 -35.44
C LEU B 159 -7.84 -0.77 -34.95
N THR B 160 -6.83 -0.03 -35.39
CA THR B 160 -6.73 1.35 -34.91
C THR B 160 -7.85 2.21 -35.47
N GLU B 161 -8.48 1.75 -36.55
CA GLU B 161 -9.58 2.48 -37.13
C GLU B 161 -10.85 2.24 -36.30
N TYR B 162 -11.08 0.99 -35.93
CA TYR B 162 -12.27 0.63 -35.16
C TYR B 162 -12.17 1.09 -33.71
N PHE B 163 -10.98 0.98 -33.14
CA PHE B 163 -10.78 1.39 -31.76
C PHE B 163 -10.53 2.88 -31.59
N THR B 164 -9.41 3.29 -30.98
CA THR B 164 -9.19 4.72 -30.74
C THR B 164 -7.97 5.42 -31.31
N PHE B 165 -6.95 4.66 -31.69
CA PHE B 165 -5.72 5.26 -32.17
C PHE B 165 -5.82 6.18 -33.39
N LYS B 166 -6.61 5.81 -34.39
CA LYS B 166 -6.72 6.67 -35.55
C LYS B 166 -7.32 8.01 -35.13
N GLN B 167 -8.35 7.94 -34.31
CA GLN B 167 -9.02 9.15 -33.82
C GLN B 167 -8.09 9.95 -32.92
N GLU B 168 -7.25 9.26 -32.14
CA GLU B 168 -6.34 9.95 -31.25
C GLU B 168 -5.38 10.81 -32.07
N CYS B 169 -4.84 10.23 -33.14
CA CYS B 169 -3.93 10.97 -34.00
C CYS B 169 -4.60 12.18 -34.61
N LYS B 170 -5.79 11.99 -35.16
CA LYS B 170 -6.51 13.08 -35.79
C LYS B 170 -6.81 14.26 -34.86
N ILE B 171 -7.05 13.99 -33.59
CA ILE B 171 -7.36 15.05 -32.64
C ILE B 171 -6.13 15.73 -32.03
N LYS B 172 -5.08 14.95 -31.76
CA LYS B 172 -3.86 15.48 -31.18
C LYS B 172 -2.88 15.98 -32.23
N TYR B 173 -2.82 15.26 -33.34
CA TYR B 173 -1.91 15.58 -34.42
C TYR B 173 -2.70 15.64 -35.73
N SER B 174 -2.39 14.76 -36.67
CA SER B 174 -3.09 14.72 -37.95
C SER B 174 -3.09 13.32 -38.52
N GLU B 175 -3.91 13.10 -39.54
CA GLU B 175 -4.01 11.78 -40.16
C GLU B 175 -2.65 11.45 -40.78
N ARG B 176 -1.89 12.49 -41.08
CA ARG B 176 -0.56 12.31 -41.67
C ARG B 176 0.30 11.53 -40.67
N VAL B 177 0.14 11.82 -39.39
CA VAL B 177 0.90 11.12 -38.35
C VAL B 177 0.41 9.68 -38.24
N TYR B 178 -0.89 9.48 -38.38
CA TYR B 178 -1.49 8.16 -38.33
C TYR B 178 -0.93 7.30 -39.45
N ASP B 179 -0.91 7.85 -40.66
CA ASP B 179 -0.40 7.11 -41.81
C ASP B 179 1.06 6.72 -41.61
N ALA B 180 1.86 7.65 -41.06
CA ALA B 180 3.26 7.38 -40.81
C ALA B 180 3.38 6.25 -39.77
N CYS B 181 2.49 6.22 -38.80
CA CYS B 181 2.53 5.17 -37.79
C CYS B 181 2.16 3.83 -38.40
N MET B 182 1.16 3.84 -39.28
CA MET B 182 0.73 2.61 -39.92
C MET B 182 1.89 2.00 -40.70
N ASP B 183 2.68 2.85 -41.35
CA ASP B 183 3.83 2.37 -42.12
C ASP B 183 4.90 1.86 -41.15
N ALA B 184 5.05 2.54 -40.02
CA ALA B 184 6.03 2.12 -39.03
C ALA B 184 5.65 0.74 -38.47
N PHE B 185 4.37 0.55 -38.15
CA PHE B 185 3.91 -0.71 -37.60
C PHE B 185 4.17 -1.86 -38.55
N ASP B 186 4.08 -1.60 -39.85
CA ASP B 186 4.34 -2.64 -40.84
C ASP B 186 5.78 -3.16 -40.72
N CYS B 187 6.68 -2.31 -40.22
CA CYS B 187 8.09 -2.71 -40.07
C CYS B 187 8.38 -3.52 -38.82
N LEU B 188 7.49 -3.45 -37.83
CA LEU B 188 7.67 -4.18 -36.57
C LEU B 188 7.96 -5.67 -36.76
N PRO B 189 9.02 -6.17 -36.08
CA PRO B 189 9.38 -7.58 -36.15
C PRO B 189 8.24 -8.40 -35.58
N LEU B 190 8.11 -9.65 -36.01
CA LEU B 190 7.01 -10.51 -35.57
C LEU B 190 7.30 -11.37 -34.35
N ALA B 191 8.57 -11.61 -34.06
CA ALA B 191 8.92 -12.45 -32.94
C ALA B 191 10.38 -12.34 -32.56
N ALA B 192 10.77 -13.05 -31.51
CA ALA B 192 12.15 -13.01 -31.05
C ALA B 192 12.51 -14.29 -30.32
N LEU B 193 13.70 -14.77 -30.59
CA LEU B 193 14.28 -15.90 -29.94
C LEU B 193 15.13 -15.30 -28.86
N MET B 194 14.79 -15.52 -27.60
CA MET B 194 15.54 -14.92 -26.52
C MET B 194 16.43 -15.92 -25.78
N ASN B 195 17.71 -15.55 -25.65
CA ASN B 195 18.71 -16.39 -24.99
C ASN B 195 18.75 -17.78 -25.62
N GLN B 196 18.33 -17.85 -26.88
CA GLN B 196 18.31 -19.11 -27.63
C GLN B 196 17.44 -20.17 -26.96
N GLN B 197 16.55 -19.75 -26.08
CA GLN B 197 15.70 -20.71 -25.38
C GLN B 197 14.22 -20.36 -25.37
N PHE B 198 13.91 -19.09 -25.61
CA PHE B 198 12.52 -18.65 -25.57
C PHE B 198 11.99 -18.07 -26.87
N LEU B 199 10.81 -18.50 -27.26
CA LEU B 199 10.16 -17.95 -28.44
C LEU B 199 9.21 -16.90 -27.89
N CYS B 200 9.42 -15.64 -28.27
CA CYS B 200 8.59 -14.56 -27.80
C CYS B 200 7.74 -14.00 -28.93
N VAL B 201 6.43 -13.95 -28.70
CA VAL B 201 5.49 -13.44 -29.69
C VAL B 201 4.33 -12.80 -28.94
N HIS B 202 3.53 -12.01 -29.64
CA HIS B 202 2.39 -11.38 -28.99
C HIS B 202 1.29 -12.39 -28.66
N GLY B 203 0.85 -13.12 -29.68
CA GLY B 203 -0.22 -14.08 -29.49
C GLY B 203 0.19 -15.52 -29.23
N GLY B 204 0.75 -16.17 -30.26
CA GLY B 204 1.17 -17.54 -30.08
C GLY B 204 1.64 -18.26 -31.32
N LEU B 205 1.24 -19.53 -31.41
CA LEU B 205 1.62 -20.41 -32.51
C LEU B 205 0.64 -20.48 -33.65
N SER B 206 1.04 -21.20 -34.69
CA SER B 206 0.26 -21.38 -35.89
C SER B 206 0.43 -22.81 -36.40
N PRO B 207 -0.66 -23.42 -36.92
CA PRO B 207 -0.51 -24.78 -37.43
C PRO B 207 0.45 -24.80 -38.62
N GLU B 208 0.72 -23.62 -39.19
CA GLU B 208 1.62 -23.47 -40.32
C GLU B 208 3.03 -23.03 -39.90
N ILE B 209 3.34 -23.11 -38.61
CA ILE B 209 4.67 -22.72 -38.14
C ILE B 209 5.27 -23.85 -37.31
N ASN B 210 6.08 -24.67 -37.96
CA ASN B 210 6.73 -25.82 -37.31
C ASN B 210 8.12 -25.54 -36.81
N THR B 211 8.80 -24.58 -37.43
CA THR B 211 10.16 -24.23 -37.05
C THR B 211 10.33 -22.71 -37.04
N LEU B 212 11.43 -22.26 -36.44
CA LEU B 212 11.70 -20.84 -36.37
C LEU B 212 11.94 -20.30 -37.77
N ASP B 213 12.37 -21.19 -38.66
CA ASP B 213 12.65 -20.79 -40.03
C ASP B 213 11.36 -20.41 -40.78
N ASP B 214 10.23 -20.97 -40.36
CA ASP B 214 8.95 -20.66 -40.99
C ASP B 214 8.60 -19.19 -40.73
N ILE B 215 9.14 -18.66 -39.64
CA ILE B 215 8.89 -17.27 -39.29
C ILE B 215 9.76 -16.36 -40.15
N ARG B 216 10.99 -16.79 -40.41
CA ARG B 216 11.91 -16.01 -41.23
C ARG B 216 11.44 -15.90 -42.68
N LYS B 217 10.70 -16.91 -43.14
CA LYS B 217 10.20 -16.93 -44.51
C LYS B 217 9.07 -15.96 -44.81
N LEU B 218 8.46 -15.41 -43.75
CA LEU B 218 7.33 -14.51 -43.92
C LEU B 218 7.64 -13.09 -44.40
N ASP B 219 6.65 -12.50 -45.05
CA ASP B 219 6.76 -11.13 -45.52
C ASP B 219 5.91 -10.31 -44.54
N ARG B 220 6.58 -9.70 -43.56
CA ARG B 220 5.90 -8.93 -42.52
C ARG B 220 5.52 -7.49 -42.86
N PHE B 221 6.13 -6.93 -43.90
CA PHE B 221 5.88 -5.54 -44.25
C PHE B 221 4.55 -5.31 -44.95
N LYS B 222 3.46 -5.36 -44.17
CA LYS B 222 2.12 -5.18 -44.71
C LYS B 222 1.08 -5.24 -43.59
N GLU B 223 -0.16 -5.00 -43.95
CA GLU B 223 -1.27 -5.05 -43.01
C GLU B 223 -1.47 -6.54 -42.74
N PRO B 224 -1.66 -6.93 -41.47
CA PRO B 224 -1.87 -8.35 -41.13
C PRO B 224 -3.07 -8.97 -41.84
N PRO B 225 -2.84 -10.12 -42.52
CA PRO B 225 -3.92 -10.83 -43.23
C PRO B 225 -4.96 -11.34 -42.24
N ALA B 226 -6.15 -11.69 -42.75
CA ALA B 226 -7.23 -12.19 -41.88
C ALA B 226 -7.02 -13.64 -41.47
N TYR B 227 -5.98 -14.26 -42.02
CA TYR B 227 -5.66 -15.64 -41.69
C TYR B 227 -4.28 -15.98 -42.21
N GLY B 228 -3.71 -17.07 -41.69
CA GLY B 228 -2.40 -17.47 -42.12
C GLY B 228 -1.37 -17.30 -41.01
N PRO B 229 -0.10 -17.65 -41.28
CA PRO B 229 1.02 -17.57 -40.33
C PRO B 229 1.12 -16.25 -39.57
N MET B 230 1.31 -15.16 -40.29
CA MET B 230 1.45 -13.85 -39.66
C MET B 230 0.27 -13.53 -38.75
N CYS B 231 -0.94 -13.79 -39.25
CA CYS B 231 -2.14 -13.53 -38.47
C CYS B 231 -2.10 -14.30 -37.15
N ASP B 232 -1.76 -15.58 -37.22
CA ASP B 232 -1.72 -16.43 -36.02
C ASP B 232 -0.71 -15.99 -34.97
N ILE B 233 0.44 -15.53 -35.42
CA ILE B 233 1.47 -15.08 -34.49
C ILE B 233 0.94 -13.91 -33.69
N LEU B 234 0.12 -13.09 -34.31
CA LEU B 234 -0.44 -11.91 -33.66
C LEU B 234 -1.75 -12.12 -32.90
N TRP B 235 -2.49 -13.17 -33.24
CA TRP B 235 -3.82 -13.36 -32.66
C TRP B 235 -4.13 -14.64 -31.87
N SER B 236 -3.39 -15.73 -32.04
CA SER B 236 -3.74 -16.96 -31.32
C SER B 236 -3.64 -16.88 -29.80
N ASP B 237 -4.41 -17.73 -29.13
CA ASP B 237 -4.46 -17.82 -27.67
C ASP B 237 -4.39 -19.28 -27.23
N PRO B 238 -4.00 -19.51 -25.97
CA PRO B 238 -3.96 -20.90 -25.50
C PRO B 238 -5.41 -21.27 -25.21
N LEU B 239 -5.74 -22.55 -25.25
CA LEU B 239 -7.10 -22.97 -24.94
C LEU B 239 -7.48 -22.53 -23.54
N GLU B 240 -8.77 -22.33 -23.31
CA GLU B 240 -9.25 -21.93 -21.99
C GLU B 240 -8.81 -22.98 -20.97
N ASP B 241 -8.86 -24.24 -21.38
CA ASP B 241 -8.49 -25.36 -20.54
C ASP B 241 -7.11 -25.89 -20.90
N PHE B 242 -6.22 -24.99 -21.32
CA PHE B 242 -4.86 -25.33 -21.71
C PHE B 242 -4.15 -26.17 -20.64
N GLY B 243 -3.72 -27.37 -21.03
CA GLY B 243 -3.04 -28.27 -20.11
C GLY B 243 -3.98 -29.30 -19.51
N ASN B 244 -5.28 -29.06 -19.63
CA ASN B 244 -6.28 -29.98 -19.08
C ASN B 244 -7.30 -30.27 -20.18
N GLU B 245 -6.80 -30.44 -21.39
CA GLU B 245 -7.64 -30.67 -22.56
C GLU B 245 -8.32 -32.04 -22.65
N LYS B 246 -9.52 -32.04 -23.22
CA LYS B 246 -10.28 -33.26 -23.43
C LYS B 246 -10.48 -33.44 -24.93
N THR B 247 -9.78 -32.62 -25.71
CA THR B 247 -9.84 -32.68 -27.17
C THR B 247 -8.43 -32.66 -27.73
N GLN B 248 -8.04 -33.76 -28.37
CA GLN B 248 -6.70 -33.87 -28.94
C GLN B 248 -6.44 -32.95 -30.13
N GLU B 249 -7.30 -31.96 -30.33
CA GLU B 249 -7.11 -31.01 -31.43
C GLU B 249 -6.05 -29.97 -31.07
N HIS B 250 -4.94 -29.98 -31.79
CA HIS B 250 -3.85 -29.04 -31.53
C HIS B 250 -4.23 -27.59 -31.79
N PHE B 251 -4.95 -27.38 -32.89
CA PHE B 251 -5.36 -26.05 -33.28
C PHE B 251 -6.82 -26.05 -33.65
N THR B 252 -7.60 -25.22 -32.96
CA THR B 252 -9.01 -25.09 -33.22
C THR B 252 -9.28 -23.60 -33.42
N HIS B 253 -10.25 -23.28 -34.27
CA HIS B 253 -10.53 -21.88 -34.57
C HIS B 253 -10.96 -21.05 -33.39
N ASN B 254 -10.30 -19.90 -33.26
CA ASN B 254 -10.54 -18.96 -32.18
C ASN B 254 -11.81 -18.14 -32.45
N THR B 255 -12.91 -18.60 -31.89
CA THR B 255 -14.19 -17.93 -32.06
C THR B 255 -14.28 -16.65 -31.22
N VAL B 256 -13.43 -16.54 -30.21
CA VAL B 256 -13.43 -15.36 -29.37
C VAL B 256 -12.83 -14.19 -30.15
N ARG B 257 -11.72 -14.43 -30.84
CA ARG B 257 -11.06 -13.39 -31.61
C ARG B 257 -11.72 -13.14 -32.95
N GLY B 258 -12.40 -14.17 -33.48
CA GLY B 258 -13.04 -14.03 -34.77
C GLY B 258 -12.05 -14.34 -35.89
N CYS B 259 -10.91 -14.90 -35.50
CA CYS B 259 -9.87 -15.27 -36.46
C CYS B 259 -8.79 -16.08 -35.74
N SER B 260 -7.92 -16.71 -36.51
CA SER B 260 -6.82 -17.48 -35.96
C SER B 260 -7.24 -18.71 -35.15
N TYR B 261 -6.42 -19.08 -34.16
CA TYR B 261 -6.68 -20.28 -33.37
C TYR B 261 -6.46 -20.22 -31.87
N PHE B 262 -6.85 -21.30 -31.23
CA PHE B 262 -6.64 -21.62 -29.85
C PHE B 262 -5.62 -22.72 -29.95
N TYR B 263 -4.50 -22.64 -29.26
CA TYR B 263 -3.54 -23.74 -29.32
C TYR B 263 -3.53 -24.46 -27.99
N SER B 264 -3.37 -25.78 -28.04
CA SER B 264 -3.37 -26.62 -26.84
C SER B 264 -1.97 -26.90 -26.30
N TYR B 265 -1.92 -27.49 -25.11
CA TYR B 265 -0.67 -27.84 -24.46
C TYR B 265 0.17 -28.77 -25.34
N PRO B 266 -0.43 -29.84 -25.89
CA PRO B 266 0.34 -30.75 -26.74
C PRO B 266 0.96 -30.02 -27.93
N ALA B 267 0.21 -29.09 -28.51
CA ALA B 267 0.68 -28.32 -29.65
C ALA B 267 1.93 -27.53 -29.29
N VAL B 268 1.93 -26.94 -28.10
CA VAL B 268 3.07 -26.17 -27.65
C VAL B 268 4.27 -27.06 -27.39
N CYS B 269 4.04 -28.13 -26.63
CA CYS B 269 5.13 -29.04 -26.31
C CYS B 269 5.78 -29.58 -27.57
N GLU B 270 4.97 -29.98 -28.55
CA GLU B 270 5.53 -30.50 -29.79
C GLU B 270 6.46 -29.48 -30.42
N PHE B 271 6.00 -28.24 -30.53
CA PHE B 271 6.81 -27.19 -31.13
C PHE B 271 8.07 -26.93 -30.30
N LEU B 272 7.93 -26.97 -28.97
CA LEU B 272 9.06 -26.75 -28.07
C LEU B 272 10.13 -27.82 -28.24
N GLN B 273 9.73 -29.09 -28.17
CA GLN B 273 10.67 -30.20 -28.30
C GLN B 273 11.33 -30.25 -29.68
N HIS B 274 10.53 -30.11 -30.73
CA HIS B 274 11.03 -30.14 -32.10
C HIS B 274 12.04 -29.02 -32.36
N ASN B 275 11.81 -27.86 -31.75
CA ASN B 275 12.68 -26.71 -31.94
C ASN B 275 13.72 -26.51 -30.83
N ASN B 276 13.78 -27.42 -29.89
CA ASN B 276 14.74 -27.34 -28.79
C ASN B 276 14.55 -26.04 -28.00
N LEU B 277 13.30 -25.72 -27.70
CA LEU B 277 12.99 -24.52 -26.95
C LEU B 277 12.43 -24.88 -25.59
N LEU B 278 12.63 -23.98 -24.64
CA LEU B 278 12.18 -24.18 -23.27
C LEU B 278 10.76 -23.70 -23.04
N SER B 279 10.40 -22.56 -23.64
CA SER B 279 9.06 -22.02 -23.43
C SER B 279 8.67 -20.91 -24.39
N ILE B 280 7.37 -20.66 -24.46
CA ILE B 280 6.83 -19.61 -25.31
C ILE B 280 6.42 -18.47 -24.38
N LEU B 281 6.98 -17.28 -24.61
CA LEU B 281 6.62 -16.12 -23.80
C LEU B 281 5.71 -15.23 -24.66
N ARG B 282 4.53 -14.91 -24.16
CA ARG B 282 3.59 -14.09 -24.91
C ARG B 282 2.76 -13.16 -24.03
N ALA B 283 1.91 -12.36 -24.67
CA ALA B 283 1.04 -11.40 -23.98
C ALA B 283 -0.38 -11.62 -24.50
N HIS B 284 -0.98 -10.59 -25.09
CA HIS B 284 -2.30 -10.71 -25.73
C HIS B 284 -3.54 -10.93 -24.84
N GLU B 285 -3.37 -11.47 -23.64
CA GLU B 285 -4.54 -11.67 -22.76
C GLU B 285 -4.30 -11.08 -21.37
N ALA B 286 -5.23 -10.25 -20.93
CA ALA B 286 -5.13 -9.60 -19.62
C ALA B 286 -5.04 -10.62 -18.49
N GLN B 287 -4.23 -10.30 -17.49
CA GLN B 287 -4.07 -11.18 -16.34
C GLN B 287 -4.18 -10.37 -15.07
N ASP B 288 -5.04 -10.82 -14.16
CA ASP B 288 -5.24 -10.12 -12.90
C ASP B 288 -3.94 -9.90 -12.13
N ALA B 289 -3.03 -10.86 -12.22
CA ALA B 289 -1.74 -10.75 -11.52
C ALA B 289 -0.65 -10.13 -12.39
N GLY B 290 -0.98 -9.84 -13.64
CA GLY B 290 -0.01 -9.28 -14.57
C GLY B 290 0.76 -10.35 -15.33
N TYR B 291 0.48 -11.61 -15.00
CA TYR B 291 1.17 -12.72 -15.65
C TYR B 291 0.39 -14.01 -15.33
N ARG B 292 0.73 -15.06 -16.07
CA ARG B 292 0.14 -16.36 -15.83
C ARG B 292 1.12 -17.40 -16.35
N MET B 293 1.37 -18.42 -15.54
CA MET B 293 2.26 -19.50 -15.93
C MET B 293 1.38 -20.73 -16.16
N TYR B 294 1.57 -21.39 -17.29
CA TYR B 294 0.76 -22.55 -17.60
C TYR B 294 1.52 -23.85 -17.37
N ARG B 295 0.81 -24.95 -17.47
CA ARG B 295 1.35 -26.29 -17.27
C ARG B 295 2.80 -26.43 -17.73
N LYS B 296 3.60 -27.05 -16.86
CA LYS B 296 5.01 -27.26 -17.14
C LYS B 296 5.19 -28.37 -18.18
N SER B 297 6.25 -28.25 -18.96
CA SER B 297 6.57 -29.27 -19.96
C SER B 297 6.98 -30.53 -19.22
N GLN B 298 6.67 -31.70 -19.78
CA GLN B 298 7.03 -32.97 -19.16
C GLN B 298 8.53 -33.20 -19.31
N THR B 299 9.10 -32.65 -20.37
CA THR B 299 10.52 -32.79 -20.69
C THR B 299 11.48 -31.94 -19.87
N THR B 300 11.07 -30.71 -19.52
CA THR B 300 11.95 -29.82 -18.77
C THR B 300 11.49 -29.42 -17.38
N GLY B 301 10.20 -29.51 -17.12
CA GLY B 301 9.70 -29.13 -15.80
C GLY B 301 9.57 -27.62 -15.68
N PHE B 302 9.67 -26.92 -16.80
CA PHE B 302 9.54 -25.46 -16.83
C PHE B 302 8.24 -25.10 -17.54
N PRO B 303 7.57 -24.01 -17.12
CA PRO B 303 6.31 -23.59 -17.74
C PRO B 303 6.37 -23.59 -19.27
N SER B 304 5.52 -24.39 -19.90
CA SER B 304 5.51 -24.48 -21.35
C SER B 304 5.08 -23.17 -21.99
N LEU B 305 4.29 -22.41 -21.25
CA LEU B 305 3.78 -21.14 -21.73
C LEU B 305 3.64 -20.10 -20.62
N ILE B 306 4.04 -18.88 -20.91
CA ILE B 306 3.92 -17.81 -19.93
C ILE B 306 3.28 -16.56 -20.57
N THR B 307 2.24 -16.04 -19.94
CA THR B 307 1.60 -14.84 -20.44
C THR B 307 2.05 -13.70 -19.56
N ILE B 308 2.54 -12.63 -20.20
CA ILE B 308 2.98 -11.45 -19.48
C ILE B 308 2.08 -10.29 -19.95
N PHE B 309 1.57 -9.52 -19.00
CA PHE B 309 0.65 -8.42 -19.29
C PHE B 309 1.10 -7.19 -18.50
N SER B 310 1.44 -6.11 -19.22
CA SER B 310 1.95 -4.91 -18.57
C SER B 310 1.03 -3.69 -18.38
N ALA B 311 -0.27 -3.87 -18.54
CA ALA B 311 -1.19 -2.75 -18.37
C ALA B 311 -1.92 -2.85 -17.03
N PRO B 312 -1.40 -2.19 -15.98
CA PRO B 312 -2.05 -2.25 -14.67
C PRO B 312 -3.42 -1.59 -14.73
N ASN B 313 -4.34 -2.08 -13.91
CA ASN B 313 -5.70 -1.55 -13.87
C ASN B 313 -6.17 -1.23 -15.28
N TYR B 314 -6.10 -2.24 -16.14
CA TYR B 314 -6.48 -2.17 -17.54
C TYR B 314 -7.85 -1.52 -17.72
N LEU B 315 -7.94 -0.56 -18.63
CA LEU B 315 -9.21 0.13 -18.91
C LEU B 315 -9.78 0.87 -17.69
N ASP B 316 -8.93 1.16 -16.71
CA ASP B 316 -9.35 1.85 -15.50
C ASP B 316 -10.44 1.12 -14.70
N VAL B 317 -10.66 -0.16 -14.97
CA VAL B 317 -11.69 -0.85 -14.22
C VAL B 317 -11.31 -2.17 -13.56
N TYR B 318 -10.50 -2.97 -14.22
CA TYR B 318 -10.13 -4.28 -13.72
C TYR B 318 -9.28 -4.40 -12.45
N ASN B 319 -8.60 -3.33 -12.07
CA ASN B 319 -7.77 -3.33 -10.86
C ASN B 319 -6.75 -4.46 -10.84
N ASN B 320 -6.32 -4.90 -12.01
CA ASN B 320 -5.34 -5.97 -12.12
C ASN B 320 -3.95 -5.38 -11.94
N LYS B 321 -2.98 -6.21 -11.59
CA LYS B 321 -1.63 -5.72 -11.47
C LYS B 321 -1.01 -5.97 -12.83
N ALA B 322 0.09 -5.29 -13.10
CA ALA B 322 0.81 -5.48 -14.35
C ALA B 322 2.13 -6.14 -13.96
N ALA B 323 2.86 -6.65 -14.93
CA ALA B 323 4.13 -7.28 -14.64
C ALA B 323 5.03 -7.25 -15.86
N VAL B 324 6.31 -7.46 -15.62
CA VAL B 324 7.32 -7.52 -16.68
C VAL B 324 8.22 -8.67 -16.24
N LEU B 325 8.88 -9.33 -17.20
CA LEU B 325 9.75 -10.44 -16.87
C LEU B 325 11.21 -10.09 -17.04
N LYS B 326 11.95 -10.02 -15.93
CA LYS B 326 13.37 -9.73 -16.00
C LYS B 326 14.05 -11.07 -16.05
N TYR B 327 14.68 -11.38 -17.18
CA TYR B 327 15.37 -12.65 -17.29
C TYR B 327 16.89 -12.50 -17.16
N GLU B 328 17.46 -13.30 -16.26
CA GLU B 328 18.89 -13.32 -16.02
C GLU B 328 19.31 -14.78 -16.21
N ASN B 329 20.59 -15.06 -16.04
CA ASN B 329 21.08 -16.44 -16.20
C ASN B 329 20.32 -17.36 -15.24
N ASN B 330 19.57 -18.29 -15.79
CA ASN B 330 18.81 -19.26 -15.00
C ASN B 330 17.88 -18.68 -13.93
N VAL B 331 17.49 -17.42 -14.07
CA VAL B 331 16.57 -16.81 -13.10
C VAL B 331 15.56 -15.90 -13.79
N MET B 332 14.29 -16.23 -13.66
CA MET B 332 13.24 -15.42 -14.25
C MET B 332 12.50 -14.68 -13.15
N ASN B 333 12.71 -13.37 -13.09
CA ASN B 333 12.08 -12.53 -12.07
C ASN B 333 10.86 -11.77 -12.58
N ILE B 334 9.68 -12.25 -12.24
CA ILE B 334 8.43 -11.59 -12.63
C ILE B 334 8.21 -10.47 -11.62
N ARG B 335 8.16 -9.23 -12.10
CA ARG B 335 7.99 -8.09 -11.20
C ARG B 335 6.65 -7.41 -11.40
N GLN B 336 5.82 -7.44 -10.38
CA GLN B 336 4.52 -6.83 -10.46
C GLN B 336 4.54 -5.36 -10.04
N PHE B 337 3.59 -4.60 -10.57
CA PHE B 337 3.46 -3.20 -10.20
C PHE B 337 2.02 -2.75 -10.40
N ASN B 338 1.64 -1.73 -9.64
CA ASN B 338 0.29 -1.18 -9.71
C ASN B 338 0.18 0.01 -10.65
N CYS B 339 -1.05 0.48 -10.85
CA CYS B 339 -1.31 1.60 -11.75
C CYS B 339 -0.90 2.95 -11.18
N SER B 340 -0.71 3.91 -12.08
CA SER B 340 -0.34 5.27 -11.70
C SER B 340 -1.48 6.18 -12.13
N PRO B 341 -1.57 7.37 -11.55
CA PRO B 341 -2.65 8.29 -11.94
C PRO B 341 -2.38 8.83 -13.35
N HIS B 342 -3.45 9.19 -14.07
CA HIS B 342 -3.31 9.75 -15.42
C HIS B 342 -4.41 10.77 -15.71
N PRO B 343 -4.16 11.72 -16.64
CA PRO B 343 -5.16 12.73 -16.99
C PRO B 343 -6.47 12.13 -17.50
N TYR B 344 -7.53 12.93 -17.46
CA TYR B 344 -8.84 12.50 -17.90
C TYR B 344 -9.09 12.91 -19.35
N TRP B 345 -9.92 12.12 -20.04
CA TRP B 345 -10.26 12.37 -21.42
C TRP B 345 -11.68 11.90 -21.65
N LEU B 346 -12.43 12.64 -22.47
CA LEU B 346 -13.79 12.24 -22.82
C LEU B 346 -13.69 11.16 -23.91
N PRO B 347 -14.69 10.27 -23.98
CA PRO B 347 -14.64 9.22 -25.02
C PRO B 347 -14.38 9.81 -26.40
N ASN B 348 -13.57 9.13 -27.19
CA ASN B 348 -13.23 9.58 -28.53
C ASN B 348 -12.48 10.91 -28.65
N PHE B 349 -11.81 11.31 -27.58
CA PHE B 349 -11.03 12.55 -27.57
C PHE B 349 -11.87 13.77 -27.96
N MET B 350 -13.11 13.78 -27.49
CA MET B 350 -14.07 14.84 -27.76
C MET B 350 -13.82 16.08 -26.89
N ASP B 351 -14.00 17.26 -27.47
CA ASP B 351 -13.83 18.52 -26.75
C ASP B 351 -15.14 18.84 -26.02
N VAL B 352 -15.09 19.64 -24.96
CA VAL B 352 -16.31 19.95 -24.21
C VAL B 352 -17.41 20.67 -24.97
N PHE B 353 -17.08 21.37 -26.05
CA PHE B 353 -18.12 22.05 -26.81
C PHE B 353 -18.94 20.99 -27.55
N THR B 354 -18.28 20.23 -28.41
CA THR B 354 -18.94 19.16 -29.16
C THR B 354 -19.75 18.28 -28.23
N TRP B 355 -19.16 17.98 -27.07
CA TRP B 355 -19.78 17.14 -26.07
C TRP B 355 -21.06 17.70 -25.46
N SER B 356 -21.02 18.97 -25.06
CA SER B 356 -22.16 19.59 -24.40
C SER B 356 -23.13 20.40 -25.26
N LEU B 357 -22.70 20.80 -26.46
CA LEU B 357 -23.53 21.61 -27.32
C LEU B 357 -24.92 21.04 -27.62
N PRO B 358 -25.01 19.76 -28.01
CA PRO B 358 -26.33 19.20 -28.30
C PRO B 358 -27.29 19.34 -27.12
N PHE B 359 -26.78 19.12 -25.91
CA PHE B 359 -27.56 19.21 -24.68
C PHE B 359 -28.00 20.64 -24.40
N VAL B 360 -27.07 21.58 -24.56
CA VAL B 360 -27.35 23.00 -24.33
C VAL B 360 -28.49 23.42 -25.24
N GLY B 361 -28.36 23.07 -26.52
CA GLY B 361 -29.39 23.41 -27.49
C GLY B 361 -30.78 22.95 -27.12
N GLU B 362 -30.94 21.66 -26.85
CA GLU B 362 -32.25 21.14 -26.52
C GLU B 362 -32.78 21.66 -25.17
N LYS B 363 -31.88 22.00 -24.26
CA LYS B 363 -32.31 22.50 -22.96
C LYS B 363 -32.77 23.97 -23.02
N VAL B 364 -32.17 24.76 -23.91
CA VAL B 364 -32.58 26.16 -24.04
C VAL B 364 -33.89 26.17 -24.81
N THR B 365 -34.00 25.31 -25.81
CA THR B 365 -35.20 25.19 -26.62
C THR B 365 -36.34 24.77 -25.69
N GLU B 366 -36.08 23.74 -24.90
CA GLU B 366 -37.08 23.22 -23.96
C GLU B 366 -37.55 24.31 -23.00
N MET B 367 -36.62 25.12 -22.51
CA MET B 367 -36.97 26.19 -21.58
C MET B 367 -37.92 27.19 -22.21
N LEU B 368 -37.60 27.63 -23.42
CA LEU B 368 -38.43 28.61 -24.11
C LEU B 368 -39.78 28.06 -24.53
N VAL B 369 -39.85 26.76 -24.77
CA VAL B 369 -41.11 26.14 -25.17
C VAL B 369 -42.09 26.12 -24.00
N ASN B 370 -41.60 25.73 -22.82
CA ASN B 370 -42.45 25.68 -21.64
C ASN B 370 -42.92 27.07 -21.22
N VAL B 371 -42.02 28.04 -21.31
CA VAL B 371 -42.35 29.43 -20.94
C VAL B 371 -43.40 30.02 -21.85
N LEU B 372 -43.37 29.67 -23.13
CA LEU B 372 -44.34 30.20 -24.09
C LEU B 372 -45.69 29.48 -24.04
N ASN B 373 -46.03 28.94 -22.88
CA ASN B 373 -47.30 28.25 -22.69
C ASN B 373 -48.00 28.77 -21.44
N ASP C 2 -41.75 41.65 -35.73
CA ASP C 2 -42.76 41.33 -34.69
C ASP C 2 -43.71 42.51 -34.43
N ALA C 3 -45.01 42.24 -34.48
CA ALA C 3 -46.01 43.27 -34.26
C ALA C 3 -47.17 42.73 -33.42
N ASP C 4 -47.85 41.71 -33.95
CA ASP C 4 -48.98 41.10 -33.25
C ASP C 4 -48.47 40.04 -32.30
N GLU C 5 -47.27 39.52 -32.57
CA GLU C 5 -46.65 38.50 -31.75
C GLU C 5 -46.35 39.06 -30.37
N ILE C 6 -45.95 40.33 -30.34
CA ILE C 6 -45.62 40.99 -29.08
C ILE C 6 -46.82 40.93 -28.14
N LYS C 7 -48.02 40.99 -28.71
CA LYS C 7 -49.24 40.92 -27.94
C LYS C 7 -49.42 39.52 -27.37
N ARG C 8 -49.11 38.52 -28.21
CA ARG C 8 -49.22 37.12 -27.80
C ARG C 8 -48.30 36.86 -26.61
N LEU C 9 -47.04 37.29 -26.74
CA LEU C 9 -46.05 37.11 -25.69
C LEU C 9 -46.42 37.90 -24.44
N GLY C 10 -46.91 39.12 -24.64
CA GLY C 10 -47.31 39.95 -23.51
C GLY C 10 -48.28 39.20 -22.61
N LYS C 11 -49.14 38.39 -23.22
CA LYS C 11 -50.12 37.61 -22.47
C LYS C 11 -49.38 36.66 -21.54
N ARG C 12 -48.44 35.90 -22.12
CA ARG C 12 -47.64 34.94 -21.37
C ARG C 12 -46.74 35.63 -20.35
N PHE C 13 -46.38 36.88 -20.62
CA PHE C 13 -45.52 37.63 -19.72
C PHE C 13 -46.27 38.02 -18.44
N LYS C 14 -47.50 38.50 -18.61
CA LYS C 14 -48.32 38.92 -17.48
C LYS C 14 -48.71 37.77 -16.56
N LYS C 15 -48.83 36.57 -17.12
CA LYS C 15 -49.20 35.41 -16.32
C LYS C 15 -47.97 34.90 -15.56
N LEU C 16 -46.83 34.87 -16.24
CA LEU C 16 -45.59 34.41 -15.61
C LEU C 16 -45.19 35.36 -14.50
N ASP C 17 -45.37 36.65 -14.73
CA ASP C 17 -45.04 37.66 -13.74
C ASP C 17 -46.11 37.70 -12.67
N LEU C 18 -45.95 36.86 -11.65
CA LEU C 18 -46.91 36.77 -10.56
C LEU C 18 -47.25 38.14 -9.97
N ASP C 19 -46.30 38.72 -9.24
CA ASP C 19 -46.51 40.01 -8.60
C ASP C 19 -46.83 41.16 -9.56
N ASN C 20 -46.92 40.87 -10.85
CA ASN C 20 -47.23 41.89 -11.83
C ASN C 20 -46.37 43.14 -11.66
N SER C 21 -45.10 42.94 -11.32
CA SER C 21 -44.18 44.06 -11.11
C SER C 21 -43.63 44.61 -12.42
N GLY C 22 -43.94 43.95 -13.52
CA GLY C 22 -43.46 44.42 -14.82
C GLY C 22 -42.13 43.81 -15.22
N SER C 23 -41.68 42.82 -14.46
CA SER C 23 -40.43 42.14 -14.75
C SER C 23 -40.50 40.72 -14.23
N LEU C 24 -39.70 39.83 -14.80
CA LEU C 24 -39.68 38.44 -14.39
C LEU C 24 -38.43 38.12 -13.56
N SER C 25 -38.65 37.62 -12.35
CA SER C 25 -37.56 37.29 -11.45
C SER C 25 -37.17 35.83 -11.66
N VAL C 26 -36.14 35.39 -10.94
CA VAL C 26 -35.68 34.01 -11.03
C VAL C 26 -36.72 33.09 -10.40
N GLU C 27 -37.32 33.56 -9.30
CA GLU C 27 -38.33 32.79 -8.59
C GLU C 27 -39.54 32.56 -9.51
N GLU C 28 -39.95 33.61 -10.20
CA GLU C 28 -41.09 33.54 -11.12
C GLU C 28 -40.87 32.60 -12.30
N PHE C 29 -39.61 32.32 -12.60
CA PHE C 29 -39.28 31.41 -13.69
C PHE C 29 -39.29 29.98 -13.15
N MET C 30 -38.90 29.86 -11.88
CA MET C 30 -38.86 28.57 -11.21
C MET C 30 -40.26 28.17 -10.71
N SER C 31 -41.27 28.91 -11.15
CA SER C 31 -42.64 28.63 -10.78
C SER C 31 -43.15 27.51 -11.68
N LEU C 32 -42.59 27.44 -12.89
CA LEU C 32 -42.97 26.42 -13.85
C LEU C 32 -42.31 25.09 -13.48
N PRO C 33 -43.07 23.99 -13.55
CA PRO C 33 -42.61 22.63 -13.22
C PRO C 33 -41.45 22.10 -14.07
N GLU C 34 -41.41 22.50 -15.33
CA GLU C 34 -40.37 22.02 -16.25
C GLU C 34 -39.02 22.73 -16.13
N LEU C 35 -39.04 24.01 -15.77
CA LEU C 35 -37.82 24.78 -15.64
C LEU C 35 -37.12 24.61 -14.29
N GLN C 36 -37.72 23.86 -13.39
CA GLN C 36 -37.13 23.64 -12.08
C GLN C 36 -36.09 22.53 -12.11
N GLN C 37 -36.04 21.79 -13.22
CA GLN C 37 -35.09 20.70 -13.35
C GLN C 37 -34.10 20.95 -14.51
N ASN C 38 -34.27 22.10 -15.17
CA ASN C 38 -33.42 22.48 -16.29
C ASN C 38 -32.20 23.26 -15.76
N PRO C 39 -30.99 22.70 -15.93
CA PRO C 39 -29.75 23.33 -15.46
C PRO C 39 -29.31 24.58 -16.21
N LEU C 40 -29.98 24.92 -17.31
CA LEU C 40 -29.62 26.09 -18.10
C LEU C 40 -30.53 27.30 -17.88
N VAL C 41 -31.48 27.16 -16.96
CA VAL C 41 -32.42 28.24 -16.66
C VAL C 41 -31.71 29.52 -16.25
N GLN C 42 -30.76 29.40 -15.32
CA GLN C 42 -30.00 30.54 -14.82
C GLN C 42 -29.19 31.21 -15.95
N ARG C 43 -28.60 30.39 -16.82
CA ARG C 43 -27.82 30.91 -17.94
C ARG C 43 -28.67 31.69 -18.93
N VAL C 44 -29.84 31.17 -19.26
CA VAL C 44 -30.74 31.84 -20.20
C VAL C 44 -31.27 33.15 -19.63
N ILE C 45 -31.63 33.15 -18.36
CA ILE C 45 -32.16 34.35 -17.71
C ILE C 45 -31.08 35.45 -17.71
N ASP C 46 -29.87 35.07 -17.29
CA ASP C 46 -28.75 36.00 -17.24
C ASP C 46 -28.51 36.62 -18.63
N ILE C 47 -28.70 35.82 -19.67
CA ILE C 47 -28.50 36.28 -21.04
C ILE C 47 -29.59 37.25 -21.45
N PHE C 48 -30.85 36.88 -21.16
CA PHE C 48 -31.97 37.75 -21.48
C PHE C 48 -31.83 39.06 -20.72
N ASP C 49 -31.27 38.94 -19.51
CA ASP C 49 -31.04 40.07 -18.61
C ASP C 49 -29.94 41.01 -19.13
N THR C 50 -30.28 41.76 -20.17
CA THR C 50 -29.38 42.69 -20.83
C THR C 50 -28.75 43.81 -19.98
N ASP C 51 -29.49 44.34 -19.00
CA ASP C 51 -28.94 45.41 -18.17
C ASP C 51 -28.43 44.89 -16.82
N GLY C 52 -28.39 43.56 -16.68
CA GLY C 52 -27.89 42.93 -15.47
C GLY C 52 -28.47 43.37 -14.12
N ASN C 53 -29.75 43.70 -14.08
CA ASN C 53 -30.36 44.12 -12.82
C ASN C 53 -30.88 42.90 -12.05
N GLY C 54 -30.77 41.73 -12.67
CA GLY C 54 -31.22 40.51 -12.02
C GLY C 54 -32.55 39.97 -12.49
N GLU C 55 -33.44 40.85 -12.95
CA GLU C 55 -34.75 40.43 -13.43
C GLU C 55 -34.87 40.63 -14.93
N VAL C 56 -35.87 40.03 -15.56
CA VAL C 56 -36.06 40.17 -17.00
C VAL C 56 -37.32 40.96 -17.32
N ASP C 57 -37.15 42.20 -17.78
CA ASP C 57 -38.30 43.03 -18.13
C ASP C 57 -38.86 42.59 -19.47
N PHE C 58 -40.00 43.16 -19.86
CA PHE C 58 -40.67 42.81 -21.11
C PHE C 58 -39.82 43.06 -22.36
N LYS C 59 -39.16 44.20 -22.40
CA LYS C 59 -38.31 44.54 -23.54
C LYS C 59 -37.30 43.44 -23.78
N GLU C 60 -36.67 42.98 -22.70
CA GLU C 60 -35.67 41.93 -22.77
C GLU C 60 -36.32 40.58 -23.09
N PHE C 61 -37.56 40.43 -22.67
CA PHE C 61 -38.30 39.20 -22.93
C PHE C 61 -38.52 39.12 -24.43
N ILE C 62 -39.02 40.20 -25.01
CA ILE C 62 -39.27 40.28 -26.44
C ILE C 62 -37.99 39.94 -27.20
N GLU C 63 -36.98 40.80 -27.04
CA GLU C 63 -35.70 40.63 -27.70
C GLU C 63 -35.07 39.27 -27.40
N GLY C 64 -35.35 38.73 -26.22
CA GLY C 64 -34.80 37.45 -25.85
C GLY C 64 -35.37 36.36 -26.72
N VAL C 65 -36.70 36.29 -26.79
CA VAL C 65 -37.38 35.29 -27.59
C VAL C 65 -37.06 35.51 -29.06
N SER C 66 -36.70 36.74 -29.40
CA SER C 66 -36.37 37.11 -30.77
C SER C 66 -35.22 36.27 -31.31
N GLN C 67 -34.20 36.07 -30.47
CA GLN C 67 -33.03 35.28 -30.84
C GLN C 67 -33.40 33.95 -31.48
N PHE C 68 -34.53 33.38 -31.04
CA PHE C 68 -34.98 32.10 -31.56
C PHE C 68 -36.15 32.23 -32.51
N SER C 69 -35.88 31.95 -33.78
CA SER C 69 -36.89 32.02 -34.82
C SER C 69 -36.43 31.16 -35.99
N VAL C 70 -37.36 30.45 -36.61
CA VAL C 70 -37.03 29.60 -37.75
C VAL C 70 -36.34 30.50 -38.79
N LYS C 71 -36.56 31.80 -38.64
CA LYS C 71 -35.99 32.80 -39.53
C LYS C 71 -34.52 33.03 -39.20
N GLY C 72 -34.18 32.94 -37.92
CA GLY C 72 -32.80 33.15 -37.50
C GLY C 72 -31.83 32.20 -38.19
N ASP C 73 -30.70 32.76 -38.66
CA ASP C 73 -29.70 31.96 -39.34
C ASP C 73 -28.75 31.29 -38.35
N LYS C 74 -27.87 30.45 -38.89
CA LYS C 74 -26.90 29.72 -38.09
C LYS C 74 -26.09 30.61 -37.16
N GLU C 75 -25.56 31.72 -37.70
CA GLU C 75 -24.75 32.64 -36.92
C GLU C 75 -25.47 33.10 -35.66
N GLN C 76 -26.78 33.29 -35.75
CA GLN C 76 -27.57 33.74 -34.62
C GLN C 76 -27.66 32.65 -33.55
N LYS C 77 -27.78 31.39 -33.99
CA LYS C 77 -27.85 30.28 -33.05
C LYS C 77 -26.50 30.03 -32.40
N LEU C 78 -25.44 30.16 -33.19
CA LEU C 78 -24.09 29.97 -32.69
C LEU C 78 -23.73 31.07 -31.70
N ARG C 79 -24.17 32.29 -31.99
CA ARG C 79 -23.90 33.40 -31.08
C ARG C 79 -24.60 33.16 -29.76
N PHE C 80 -25.85 32.74 -29.81
CA PHE C 80 -26.58 32.50 -28.57
C PHE C 80 -25.90 31.39 -27.80
N ALA C 81 -25.49 30.33 -28.50
CA ALA C 81 -24.80 29.23 -27.88
C ALA C 81 -23.56 29.77 -27.16
N PHE C 82 -22.85 30.70 -27.81
CA PHE C 82 -21.65 31.30 -27.23
C PHE C 82 -21.97 32.04 -25.92
N ARG C 83 -23.08 32.78 -25.90
CA ARG C 83 -23.48 33.53 -24.71
C ARG C 83 -23.71 32.61 -23.53
N ILE C 84 -24.11 31.38 -23.81
CA ILE C 84 -24.34 30.40 -22.77
C ILE C 84 -23.06 30.17 -21.98
N TYR C 85 -21.94 30.08 -22.69
CA TYR C 85 -20.65 29.84 -22.05
C TYR C 85 -19.96 31.13 -21.58
N ASP C 86 -20.15 32.21 -22.34
CA ASP C 86 -19.54 33.50 -22.03
C ASP C 86 -20.28 34.20 -20.87
N MET C 87 -20.06 33.68 -19.66
CA MET C 87 -20.71 34.20 -18.46
C MET C 87 -20.65 35.71 -18.22
N ASP C 88 -19.46 36.29 -18.19
CA ASP C 88 -19.36 37.74 -17.94
C ASP C 88 -19.60 38.59 -19.19
N LYS C 89 -20.02 37.94 -20.27
CA LYS C 89 -20.33 38.63 -21.52
C LYS C 89 -19.25 39.49 -22.19
N ASP C 90 -17.99 39.36 -21.80
CA ASP C 90 -16.94 40.18 -22.42
C ASP C 90 -16.53 39.70 -23.82
N GLY C 91 -17.24 38.71 -24.35
CA GLY C 91 -16.93 38.22 -25.68
C GLY C 91 -15.90 37.10 -25.78
N TYR C 92 -15.39 36.62 -24.66
CA TYR C 92 -14.39 35.55 -24.67
C TYR C 92 -14.70 34.48 -23.62
N ILE C 93 -14.77 33.23 -24.02
CA ILE C 93 -15.04 32.17 -23.05
C ILE C 93 -13.72 31.87 -22.33
N SER C 94 -13.68 32.13 -21.02
CA SER C 94 -12.47 31.87 -20.26
C SER C 94 -12.51 30.45 -19.69
N ASN C 95 -11.36 29.99 -19.21
CA ASN C 95 -11.25 28.65 -18.64
C ASN C 95 -12.27 28.43 -17.53
N GLY C 96 -12.27 29.33 -16.55
CA GLY C 96 -13.18 29.23 -15.42
C GLY C 96 -14.66 29.24 -15.77
N GLU C 97 -15.03 29.98 -16.80
CA GLU C 97 -16.44 30.06 -17.20
C GLU C 97 -16.90 28.76 -17.81
N LEU C 98 -16.10 28.24 -18.75
CA LEU C 98 -16.42 27.00 -19.42
C LEU C 98 -16.58 25.91 -18.38
N PHE C 99 -15.73 25.96 -17.35
CA PHE C 99 -15.78 24.99 -16.27
C PHE C 99 -17.09 25.10 -15.50
N GLN C 100 -17.43 26.32 -15.09
CA GLN C 100 -18.66 26.55 -14.33
C GLN C 100 -19.93 26.27 -15.12
N VAL C 101 -19.93 26.55 -16.42
CA VAL C 101 -21.12 26.29 -17.21
C VAL C 101 -21.29 24.78 -17.42
N LEU C 102 -20.18 24.08 -17.64
CA LEU C 102 -20.25 22.64 -17.82
C LEU C 102 -20.65 22.00 -16.49
N LYS C 103 -20.10 22.52 -15.39
CA LYS C 103 -20.39 22.00 -14.07
C LYS C 103 -21.90 21.98 -13.77
N MET C 104 -22.62 22.95 -14.33
CA MET C 104 -24.06 23.02 -14.13
C MET C 104 -24.77 21.91 -14.90
N MET C 105 -24.15 21.48 -16.00
CA MET C 105 -24.73 20.43 -16.84
C MET C 105 -24.31 19.02 -16.45
N VAL C 106 -23.08 18.89 -15.97
CA VAL C 106 -22.52 17.60 -15.57
C VAL C 106 -22.87 17.21 -14.14
N GLY C 107 -23.16 18.22 -13.31
CA GLY C 107 -23.48 17.94 -11.93
C GLY C 107 -22.30 17.22 -11.29
N ASN C 108 -22.58 16.18 -10.53
CA ASN C 108 -21.52 15.44 -9.86
C ASN C 108 -20.99 14.24 -10.66
N ASN C 109 -21.44 14.09 -11.90
CA ASN C 109 -21.00 12.97 -12.73
C ASN C 109 -19.51 12.98 -13.05
N LEU C 110 -18.89 14.15 -12.92
CA LEU C 110 -17.46 14.28 -13.16
C LEU C 110 -16.80 14.87 -11.94
N LYS C 111 -15.56 14.47 -11.67
CA LYS C 111 -14.83 15.02 -10.54
C LYS C 111 -14.23 16.33 -11.01
N ASP C 112 -14.14 17.30 -10.11
CA ASP C 112 -13.59 18.62 -10.45
C ASP C 112 -12.28 18.51 -11.22
N THR C 113 -11.39 17.65 -10.74
CA THR C 113 -10.10 17.46 -11.40
C THR C 113 -10.26 16.98 -12.84
N GLN C 114 -11.22 16.08 -13.06
CA GLN C 114 -11.49 15.55 -14.40
C GLN C 114 -12.02 16.63 -15.32
N LEU C 115 -12.99 17.39 -14.82
CA LEU C 115 -13.60 18.46 -15.61
C LEU C 115 -12.57 19.54 -15.96
N GLN C 116 -11.70 19.85 -15.01
CA GLN C 116 -10.67 20.86 -15.23
C GLN C 116 -9.72 20.44 -16.34
N GLN C 117 -9.34 19.16 -16.33
CA GLN C 117 -8.42 18.67 -17.35
C GLN C 117 -9.01 18.73 -18.76
N ILE C 118 -10.26 18.33 -18.92
CA ILE C 118 -10.86 18.36 -20.25
C ILE C 118 -11.21 19.78 -20.69
N VAL C 119 -11.40 20.68 -19.73
CA VAL C 119 -11.69 22.07 -20.05
C VAL C 119 -10.39 22.65 -20.60
N ASP C 120 -9.28 22.42 -19.88
CA ASP C 120 -7.97 22.91 -20.32
C ASP C 120 -7.61 22.35 -21.69
N LYS C 121 -7.91 21.09 -21.92
CA LYS C 121 -7.59 20.45 -23.20
C LYS C 121 -8.42 20.99 -24.35
N THR C 122 -9.68 21.32 -24.09
CA THR C 122 -10.54 21.86 -25.13
C THR C 122 -10.01 23.23 -25.55
N ILE C 123 -9.68 24.07 -24.57
CA ILE C 123 -9.16 25.40 -24.85
C ILE C 123 -7.84 25.37 -25.61
N ILE C 124 -6.85 24.68 -25.08
CA ILE C 124 -5.55 24.60 -25.76
C ILE C 124 -5.68 24.26 -27.25
N ASN C 125 -6.59 23.35 -27.57
CA ASN C 125 -6.76 22.94 -28.96
C ASN C 125 -7.56 23.91 -29.83
N ALA C 126 -8.37 24.76 -29.20
CA ALA C 126 -9.15 25.73 -29.94
C ALA C 126 -8.60 27.14 -29.78
N ASP C 127 -7.61 27.29 -28.88
CA ASP C 127 -7.00 28.59 -28.59
C ASP C 127 -5.92 28.96 -29.61
N LYS C 128 -6.36 29.29 -30.82
CA LYS C 128 -5.44 29.62 -31.90
C LYS C 128 -4.60 30.89 -31.75
N ASP C 129 -4.88 31.74 -30.77
CA ASP C 129 -4.09 32.96 -30.61
C ASP C 129 -3.26 33.02 -29.33
N GLY C 130 -3.39 31.99 -28.49
CA GLY C 130 -2.60 31.93 -27.27
C GLY C 130 -2.99 32.70 -26.02
N ASP C 131 -4.13 33.37 -26.00
CA ASP C 131 -4.50 34.11 -24.79
C ASP C 131 -5.18 33.25 -23.74
N GLY C 132 -5.34 31.96 -24.04
CA GLY C 132 -5.97 31.05 -23.09
C GLY C 132 -7.46 31.28 -22.90
N ARG C 133 -8.11 31.88 -23.89
CA ARG C 133 -9.55 32.16 -23.83
C ARG C 133 -10.13 31.80 -25.20
N ILE C 134 -11.43 31.61 -25.30
CA ILE C 134 -12.01 31.26 -26.59
C ILE C 134 -12.85 32.40 -27.18
N SER C 135 -12.36 32.97 -28.28
CA SER C 135 -13.07 34.05 -28.96
C SER C 135 -14.25 33.43 -29.71
N PHE C 136 -15.10 34.27 -30.29
CA PHE C 136 -16.24 33.75 -31.03
C PHE C 136 -15.76 33.09 -32.31
N GLU C 137 -14.69 33.64 -32.88
CA GLU C 137 -14.13 33.10 -34.11
C GLU C 137 -13.67 31.66 -33.85
N GLU C 138 -12.90 31.48 -32.80
CA GLU C 138 -12.36 30.18 -32.41
C GLU C 138 -13.49 29.21 -32.07
N PHE C 139 -14.56 29.73 -31.47
CA PHE C 139 -15.71 28.92 -31.09
C PHE C 139 -16.32 28.31 -32.36
N CYS C 140 -16.66 29.16 -33.31
CA CYS C 140 -17.26 28.72 -34.57
C CYS C 140 -16.39 27.69 -35.28
N ALA C 141 -15.08 27.85 -35.18
CA ALA C 141 -14.16 26.92 -35.83
C ALA C 141 -14.33 25.51 -35.25
N VAL C 142 -14.54 25.43 -33.95
CA VAL C 142 -14.71 24.14 -33.26
C VAL C 142 -16.06 23.50 -33.53
N VAL C 143 -17.14 24.20 -33.19
CA VAL C 143 -18.49 23.69 -33.39
C VAL C 143 -18.98 23.97 -34.81
N GLY C 144 -18.05 24.05 -35.75
CA GLY C 144 -18.38 24.34 -37.13
C GLY C 144 -19.26 23.33 -37.85
N GLY C 145 -18.70 22.16 -38.16
CA GLY C 145 -19.46 21.15 -38.86
C GLY C 145 -20.07 20.11 -37.94
N LEU C 146 -21.02 20.55 -37.09
CA LEU C 146 -21.68 19.64 -36.17
C LEU C 146 -23.20 19.59 -36.40
N ASP C 147 -23.92 20.50 -35.76
CA ASP C 147 -25.37 20.56 -35.89
C ASP C 147 -26.03 19.26 -35.42
N THR D 17 -20.03 4.80 33.65
CA THR D 17 -18.87 4.82 34.58
C THR D 17 -17.97 6.02 34.30
N ASP D 18 -16.85 6.10 35.02
CA ASP D 18 -15.90 7.20 34.87
C ASP D 18 -15.14 7.17 33.55
N ARG D 19 -14.97 5.97 32.99
CA ARG D 19 -14.24 5.77 31.73
C ARG D 19 -14.31 6.94 30.74
N VAL D 20 -13.18 7.61 30.54
CA VAL D 20 -13.10 8.76 29.65
C VAL D 20 -13.19 8.43 28.17
N VAL D 21 -12.22 7.70 27.65
CA VAL D 21 -12.20 7.33 26.22
C VAL D 21 -13.02 6.07 26.03
N LYS D 22 -14.34 6.22 26.00
CA LYS D 22 -15.27 5.10 25.86
C LYS D 22 -15.22 4.32 24.55
N ALA D 23 -14.65 4.90 23.50
CA ALA D 23 -14.57 4.23 22.21
C ALA D 23 -13.49 3.14 22.15
N VAL D 24 -12.57 3.17 23.11
CA VAL D 24 -11.49 2.20 23.15
C VAL D 24 -11.98 0.86 23.68
N PRO D 25 -11.70 -0.24 22.95
CA PRO D 25 -12.11 -1.57 23.40
C PRO D 25 -11.48 -1.93 24.74
N PHE D 26 -12.25 -2.60 25.59
CA PHE D 26 -11.81 -3.00 26.91
C PHE D 26 -11.53 -4.51 26.87
N PRO D 27 -10.34 -4.94 27.29
CA PRO D 27 -10.00 -6.37 27.28
C PRO D 27 -10.89 -7.19 28.22
N PRO D 28 -11.31 -8.38 27.79
CA PRO D 28 -12.17 -9.18 28.68
C PRO D 28 -11.38 -9.67 29.89
N SER D 29 -12.06 -9.86 31.02
CA SER D 29 -11.41 -10.33 32.23
C SER D 29 -11.47 -11.86 32.35
N HIS D 30 -12.43 -12.46 31.67
CA HIS D 30 -12.60 -13.92 31.70
C HIS D 30 -11.42 -14.63 31.06
N ARG D 31 -10.89 -15.64 31.74
CA ARG D 31 -9.78 -16.40 31.23
C ARG D 31 -10.30 -17.69 30.60
N LEU D 32 -10.03 -17.89 29.31
CA LEU D 32 -10.51 -19.10 28.64
C LEU D 32 -10.15 -20.35 29.42
N THR D 33 -11.14 -21.22 29.58
CA THR D 33 -10.97 -22.47 30.32
C THR D 33 -10.51 -23.57 29.39
N ALA D 34 -10.08 -24.69 29.96
CA ALA D 34 -9.61 -25.83 29.19
C ALA D 34 -10.68 -26.33 28.22
N LYS D 35 -11.92 -26.47 28.70
CA LYS D 35 -12.99 -26.95 27.84
C LYS D 35 -13.35 -25.94 26.76
N GLU D 36 -12.93 -24.70 26.94
CA GLU D 36 -13.22 -23.68 25.94
C GLU D 36 -12.17 -23.71 24.84
N VAL D 37 -10.93 -24.01 25.21
CA VAL D 37 -9.83 -24.05 24.26
C VAL D 37 -9.64 -25.42 23.59
N PHE D 38 -9.85 -26.49 24.35
CA PHE D 38 -9.69 -27.84 23.80
C PHE D 38 -11.04 -28.55 23.76
N ASP D 39 -11.28 -29.32 22.69
CA ASP D 39 -12.54 -30.04 22.58
C ASP D 39 -12.34 -31.53 22.85
N ASN D 40 -13.42 -32.30 22.63
CA ASN D 40 -13.43 -33.74 22.84
C ASN D 40 -12.27 -34.50 22.23
N ASP D 41 -11.95 -34.20 20.98
CA ASP D 41 -10.88 -34.89 20.27
C ASP D 41 -9.49 -34.41 20.67
N GLY D 42 -9.43 -33.46 21.60
CA GLY D 42 -8.15 -32.92 22.04
C GLY D 42 -7.56 -31.90 21.08
N LYS D 43 -8.41 -31.32 20.23
CA LYS D 43 -7.97 -30.32 19.27
C LYS D 43 -8.25 -28.90 19.75
N PRO D 44 -7.27 -27.99 19.57
CA PRO D 44 -7.43 -26.59 20.00
C PRO D 44 -8.41 -25.81 19.11
N ARG D 45 -9.20 -24.95 19.73
CA ARG D 45 -10.14 -24.12 18.98
C ARG D 45 -9.38 -22.83 18.64
N VAL D 46 -8.52 -22.91 17.63
CA VAL D 46 -7.70 -21.79 17.21
C VAL D 46 -8.46 -20.52 16.85
N ASP D 47 -9.70 -20.65 16.39
CA ASP D 47 -10.49 -19.46 16.04
C ASP D 47 -10.95 -18.72 17.30
N ILE D 48 -11.28 -19.48 18.33
CA ILE D 48 -11.73 -18.88 19.59
C ILE D 48 -10.50 -18.27 20.26
N LEU D 49 -9.39 -18.98 20.12
CA LEU D 49 -8.13 -18.54 20.70
C LEU D 49 -7.72 -17.22 20.05
N LYS D 50 -7.71 -17.19 18.73
CA LYS D 50 -7.33 -15.98 18.00
C LYS D 50 -8.15 -14.78 18.43
N ALA D 51 -9.47 -14.91 18.32
CA ALA D 51 -10.39 -13.84 18.67
C ALA D 51 -10.19 -13.32 20.10
N HIS D 52 -9.88 -14.22 21.03
CA HIS D 52 -9.70 -13.86 22.43
C HIS D 52 -8.36 -13.15 22.69
N LEU D 53 -7.30 -13.63 22.06
CA LEU D 53 -5.99 -13.03 22.22
C LEU D 53 -5.93 -11.66 21.56
N MET D 54 -6.74 -11.45 20.53
CA MET D 54 -6.71 -10.17 19.85
C MET D 54 -7.33 -9.05 20.67
N LYS D 55 -8.06 -9.42 21.73
CA LYS D 55 -8.67 -8.43 22.61
C LYS D 55 -7.83 -8.34 23.88
N GLU D 56 -6.64 -8.91 23.84
CA GLU D 56 -5.74 -8.91 24.97
C GLU D 56 -6.32 -9.70 26.14
N GLY D 57 -7.00 -10.80 25.83
CA GLY D 57 -7.55 -11.63 26.88
C GLY D 57 -6.54 -12.70 27.22
N ARG D 58 -6.67 -13.31 28.39
CA ARG D 58 -5.75 -14.37 28.79
C ARG D 58 -6.47 -15.71 28.85
N LEU D 59 -5.68 -16.75 29.06
CA LEU D 59 -6.18 -18.11 29.21
C LEU D 59 -5.88 -18.42 30.66
N GLU D 60 -6.49 -19.47 31.19
CA GLU D 60 -6.19 -19.87 32.56
C GLU D 60 -4.77 -20.38 32.51
N GLU D 61 -4.00 -20.13 33.56
CA GLU D 61 -2.61 -20.56 33.60
C GLU D 61 -2.44 -22.02 33.18
N SER D 62 -3.26 -22.91 33.74
CA SER D 62 -3.17 -24.33 33.43
C SER D 62 -3.37 -24.61 31.93
N VAL D 63 -4.30 -23.89 31.32
CA VAL D 63 -4.57 -24.07 29.89
C VAL D 63 -3.36 -23.62 29.08
N ALA D 64 -2.72 -22.55 29.53
CA ALA D 64 -1.53 -22.05 28.86
C ALA D 64 -0.46 -23.13 28.93
N LEU D 65 -0.24 -23.66 30.14
CA LEU D 65 0.75 -24.70 30.36
C LEU D 65 0.50 -25.94 29.50
N ARG D 66 -0.78 -26.32 29.36
CA ARG D 66 -1.14 -27.48 28.55
C ARG D 66 -0.76 -27.27 27.09
N ILE D 67 -1.06 -26.08 26.56
CA ILE D 67 -0.72 -25.80 25.18
C ILE D 67 0.78 -25.87 24.99
N ILE D 68 1.50 -25.21 25.89
CA ILE D 68 2.95 -25.18 25.83
C ILE D 68 3.56 -26.58 25.95
N THR D 69 3.11 -27.35 26.94
CA THR D 69 3.66 -28.69 27.12
C THR D 69 3.28 -29.67 26.00
N GLU D 70 2.05 -29.60 25.52
CA GLU D 70 1.66 -30.50 24.43
C GLU D 70 2.41 -30.16 23.14
N GLY D 71 2.60 -28.88 22.88
CA GLY D 71 3.34 -28.49 21.69
C GLY D 71 4.77 -28.99 21.82
N ALA D 72 5.33 -28.87 23.02
CA ALA D 72 6.69 -29.30 23.29
C ALA D 72 6.86 -30.79 23.01
N SER D 73 5.88 -31.59 23.44
CA SER D 73 5.90 -33.03 23.23
C SER D 73 6.03 -33.33 21.74
N ILE D 74 5.26 -32.59 20.94
CA ILE D 74 5.31 -32.77 19.50
C ILE D 74 6.68 -32.36 18.97
N LEU D 75 7.14 -31.17 19.37
CA LEU D 75 8.44 -30.68 18.93
C LEU D 75 9.55 -31.64 19.31
N ARG D 76 9.49 -32.16 20.53
CA ARG D 76 10.51 -33.07 21.04
C ARG D 76 10.69 -34.32 20.18
N GLN D 77 9.67 -34.69 19.42
CA GLN D 77 9.75 -35.86 18.57
C GLN D 77 10.44 -35.60 17.24
N GLU D 78 10.41 -34.36 16.80
CA GLU D 78 11.02 -34.00 15.52
C GLU D 78 12.54 -34.09 15.52
N LYS D 79 13.12 -34.17 14.33
CA LYS D 79 14.56 -34.25 14.16
C LYS D 79 15.20 -32.87 14.13
N ASN D 80 16.51 -32.80 14.33
CA ASN D 80 17.23 -31.53 14.31
C ASN D 80 17.05 -30.87 12.96
N LEU D 81 17.10 -31.68 11.91
CA LEU D 81 16.94 -31.21 10.55
C LEU D 81 15.63 -31.74 9.99
N LEU D 82 14.63 -30.88 9.88
CA LEU D 82 13.34 -31.31 9.36
C LEU D 82 13.38 -31.46 7.83
N ASP D 83 12.51 -32.32 7.31
CA ASP D 83 12.41 -32.56 5.88
C ASP D 83 11.06 -31.98 5.46
N ILE D 84 11.07 -30.77 4.94
CA ILE D 84 9.85 -30.12 4.52
C ILE D 84 9.73 -30.07 3.00
N ASP D 85 8.67 -30.67 2.48
CA ASP D 85 8.44 -30.69 1.05
C ASP D 85 7.59 -29.50 0.62
N ALA D 86 7.66 -29.16 -0.66
CA ALA D 86 6.88 -28.04 -1.20
C ALA D 86 5.43 -28.52 -1.35
N PRO D 87 4.46 -27.59 -1.35
CA PRO D 87 4.64 -26.14 -1.20
C PRO D 87 4.70 -25.75 0.27
N VAL D 88 5.21 -24.57 0.56
CA VAL D 88 5.31 -24.10 1.93
C VAL D 88 5.56 -22.59 1.99
N THR D 89 5.09 -21.97 3.06
CA THR D 89 5.27 -20.54 3.25
C THR D 89 6.30 -20.37 4.36
N VAL D 90 7.48 -19.87 3.99
CA VAL D 90 8.56 -19.66 4.95
C VAL D 90 8.48 -18.26 5.51
N CYS D 91 8.50 -18.17 6.84
CA CYS D 91 8.41 -16.89 7.52
C CYS D 91 9.62 -16.59 8.40
N GLY D 92 9.93 -15.30 8.55
CA GLY D 92 11.05 -14.87 9.35
C GLY D 92 10.61 -14.35 10.72
N ASP D 93 11.46 -13.55 11.35
CA ASP D 93 11.21 -13.00 12.67
C ASP D 93 9.80 -12.43 12.91
N ILE D 94 9.29 -12.66 14.10
CA ILE D 94 7.97 -12.16 14.48
C ILE D 94 8.14 -11.19 15.64
N HIS D 95 8.97 -11.58 16.60
CA HIS D 95 9.26 -10.76 17.79
C HIS D 95 8.05 -10.18 18.53
N GLY D 96 7.14 -11.07 18.93
CA GLY D 96 5.97 -10.66 19.70
C GLY D 96 5.02 -9.67 19.09
N GLN D 97 5.08 -9.50 17.78
CA GLN D 97 4.16 -8.58 17.12
C GLN D 97 2.98 -9.40 16.64
N PHE D 98 2.22 -9.88 17.63
CA PHE D 98 1.06 -10.74 17.40
C PHE D 98 0.05 -10.24 16.37
N PHE D 99 -0.25 -8.94 16.40
CA PHE D 99 -1.24 -8.37 15.47
C PHE D 99 -0.74 -8.37 14.03
N ASP D 100 0.57 -8.44 13.84
CA ASP D 100 1.12 -8.48 12.50
C ASP D 100 1.12 -9.95 12.11
N LEU D 101 1.20 -10.84 13.10
CA LEU D 101 1.18 -12.28 12.85
C LEU D 101 -0.18 -12.65 12.29
N MET D 102 -1.23 -11.98 12.77
CA MET D 102 -2.58 -12.26 12.30
C MET D 102 -2.65 -11.87 10.82
N LYS D 103 -1.97 -10.77 10.49
CA LYS D 103 -1.92 -10.30 9.11
C LYS D 103 -1.10 -11.30 8.28
N LEU D 104 -0.03 -11.81 8.89
CA LEU D 104 0.84 -12.78 8.22
C LEU D 104 0.07 -13.97 7.67
N PHE D 105 -0.79 -14.56 8.50
CA PHE D 105 -1.57 -15.73 8.08
C PHE D 105 -2.56 -15.37 6.98
N GLU D 106 -3.01 -14.13 6.98
CA GLU D 106 -3.93 -13.67 5.96
C GLU D 106 -3.22 -13.60 4.61
N VAL D 107 -1.98 -13.13 4.61
CA VAL D 107 -1.21 -13.01 3.38
C VAL D 107 -0.62 -14.36 2.93
N GLY D 108 -0.16 -15.15 3.91
CA GLY D 108 0.45 -16.44 3.58
C GLY D 108 -0.52 -17.60 3.37
N GLY D 109 -1.77 -17.43 3.77
CA GLY D 109 -2.73 -18.51 3.60
C GLY D 109 -3.07 -19.21 4.91
N SER D 110 -4.29 -19.73 5.00
CA SER D 110 -4.74 -20.39 6.21
C SER D 110 -3.95 -21.66 6.53
N PRO D 111 -3.56 -21.83 7.80
CA PRO D 111 -2.80 -23.01 8.24
C PRO D 111 -3.60 -24.27 7.95
N ALA D 112 -4.92 -24.10 7.85
CA ALA D 112 -5.84 -25.20 7.56
C ALA D 112 -5.56 -25.86 6.21
N ASN D 113 -4.99 -25.11 5.27
CA ASN D 113 -4.67 -25.67 3.96
C ASN D 113 -3.36 -25.12 3.39
N THR D 114 -2.49 -24.66 4.28
CA THR D 114 -1.21 -24.10 3.88
C THR D 114 -0.11 -24.61 4.81
N ARG D 115 0.98 -25.10 4.23
CA ARG D 115 2.11 -25.59 5.03
C ARG D 115 2.99 -24.39 5.36
N TYR D 116 3.41 -24.29 6.61
CA TYR D 116 4.24 -23.19 7.09
C TYR D 116 5.55 -23.63 7.73
N LEU D 117 6.53 -22.74 7.70
CA LEU D 117 7.84 -22.97 8.30
C LEU D 117 8.33 -21.62 8.83
N PHE D 118 8.41 -21.49 10.14
CA PHE D 118 8.89 -20.24 10.76
C PHE D 118 10.34 -20.45 11.15
N LEU D 119 11.17 -19.46 10.86
CA LEU D 119 12.61 -19.55 11.14
C LEU D 119 13.06 -19.09 12.52
N GLY D 120 12.11 -18.85 13.42
CA GLY D 120 12.47 -18.43 14.76
C GLY D 120 12.25 -16.99 15.19
N ASP D 121 12.79 -16.65 16.37
CA ASP D 121 12.67 -15.33 16.95
C ASP D 121 11.19 -14.94 17.08
N TYR D 122 10.46 -15.76 17.82
CA TYR D 122 9.04 -15.55 18.04
C TYR D 122 8.79 -14.53 19.15
N VAL D 123 9.76 -14.39 20.04
CA VAL D 123 9.62 -13.49 21.19
C VAL D 123 10.62 -12.37 21.35
N ASP D 124 10.40 -11.57 22.40
CA ASP D 124 11.18 -10.40 22.78
C ASP D 124 10.92 -9.18 21.90
N ARG D 125 11.15 -8.00 22.48
CA ARG D 125 10.98 -6.71 21.82
C ARG D 125 9.52 -6.32 21.62
N GLY D 126 8.72 -7.18 21.00
CA GLY D 126 7.31 -6.89 20.81
C GLY D 126 6.60 -7.18 22.14
N TYR D 127 5.46 -6.55 22.39
CA TYR D 127 4.77 -6.75 23.66
C TYR D 127 3.69 -7.83 23.68
N PHE D 128 3.69 -8.70 22.68
CA PHE D 128 2.70 -9.76 22.59
C PHE D 128 3.35 -11.09 22.26
N SER D 129 4.48 -11.36 22.90
CA SER D 129 5.24 -12.58 22.68
C SER D 129 4.52 -13.85 23.12
N ILE D 130 3.97 -13.84 24.34
CA ILE D 130 3.28 -15.01 24.86
C ILE D 130 2.07 -15.34 23.98
N GLU D 131 1.40 -14.33 23.46
CA GLU D 131 0.25 -14.56 22.58
C GLU D 131 0.75 -15.23 21.32
N CYS D 132 1.89 -14.77 20.78
CA CYS D 132 2.45 -15.35 19.57
C CYS D 132 2.80 -16.82 19.81
N VAL D 133 3.36 -17.10 20.98
CA VAL D 133 3.77 -18.45 21.31
C VAL D 133 2.60 -19.40 21.52
N LEU D 134 1.59 -18.94 22.27
CA LEU D 134 0.42 -19.76 22.54
C LEU D 134 -0.32 -20.07 21.25
N TYR D 135 -0.40 -19.08 20.36
CA TYR D 135 -1.11 -19.29 19.11
C TYR D 135 -0.36 -20.23 18.17
N LEU D 136 0.95 -20.05 18.05
CA LEU D 136 1.74 -20.90 17.18
C LEU D 136 1.81 -22.34 17.73
N TRP D 137 1.89 -22.47 19.05
CA TRP D 137 1.93 -23.80 19.65
C TRP D 137 0.57 -24.49 19.47
N ALA D 138 -0.52 -23.74 19.66
CA ALA D 138 -1.84 -24.33 19.46
C ALA D 138 -1.91 -24.80 18.01
N LEU D 139 -1.48 -23.95 17.08
CA LEU D 139 -1.48 -24.31 15.67
C LEU D 139 -0.61 -25.56 15.42
N LYS D 140 0.47 -25.68 16.17
CA LYS D 140 1.38 -26.82 16.03
C LYS D 140 0.68 -28.09 16.50
N ILE D 141 -0.15 -27.94 17.53
CA ILE D 141 -0.89 -29.07 18.07
C ILE D 141 -1.96 -29.50 17.07
N LEU D 142 -2.58 -28.52 16.43
CA LEU D 142 -3.64 -28.78 15.46
C LEU D 142 -3.11 -29.28 14.11
N TYR D 143 -1.99 -28.71 13.67
CA TYR D 143 -1.39 -29.09 12.39
C TYR D 143 0.06 -29.53 12.58
N PRO D 144 0.26 -30.65 13.28
CA PRO D 144 1.57 -31.23 13.57
C PRO D 144 2.47 -31.55 12.38
N LYS D 145 1.86 -31.93 11.26
CA LYS D 145 2.65 -32.28 10.08
C LYS D 145 2.65 -31.23 8.98
N THR D 146 1.99 -30.09 9.21
CA THR D 146 1.96 -29.04 8.19
C THR D 146 2.47 -27.67 8.67
N LEU D 147 2.62 -27.50 9.98
CA LEU D 147 3.14 -26.24 10.51
C LEU D 147 4.46 -26.53 11.24
N PHE D 148 5.55 -25.97 10.73
CA PHE D 148 6.87 -26.18 11.33
C PHE D 148 7.48 -24.96 11.99
N LEU D 149 8.16 -25.19 13.10
CA LEU D 149 8.79 -24.12 13.87
C LEU D 149 10.25 -24.43 14.15
N LEU D 150 11.12 -23.47 13.82
CA LEU D 150 12.54 -23.64 14.11
C LEU D 150 12.88 -22.75 15.30
N ARG D 151 14.07 -22.97 15.86
CA ARG D 151 14.52 -22.18 16.98
C ARG D 151 15.28 -20.97 16.48
N GLY D 152 15.04 -19.82 17.10
CA GLY D 152 15.76 -18.60 16.75
C GLY D 152 16.70 -18.34 17.92
N ASN D 153 17.62 -17.39 17.79
CA ASN D 153 18.54 -17.13 18.88
C ASN D 153 17.87 -16.55 20.12
N HIS D 154 16.67 -15.98 19.97
CA HIS D 154 15.96 -15.43 21.12
C HIS D 154 15.19 -16.48 21.92
N GLU D 155 15.02 -17.67 21.35
CA GLU D 155 14.31 -18.75 22.05
C GLU D 155 15.21 -19.47 23.05
N CYS D 156 15.69 -18.73 24.03
CA CYS D 156 16.56 -19.28 25.06
C CYS D 156 16.39 -18.45 26.33
N ARG D 157 17.00 -18.91 27.42
CA ARG D 157 16.90 -18.25 28.70
C ARG D 157 17.71 -16.96 28.79
N HIS D 158 18.94 -17.01 28.29
CA HIS D 158 19.84 -15.88 28.33
C HIS D 158 19.23 -14.59 27.74
N LEU D 159 18.74 -14.68 26.52
CA LEU D 159 18.14 -13.51 25.89
C LEU D 159 16.76 -13.10 26.43
N THR D 160 15.89 -14.05 26.72
CA THR D 160 14.56 -13.71 27.22
C THR D 160 14.63 -13.07 28.60
N GLU D 161 15.71 -13.37 29.32
CA GLU D 161 15.89 -12.80 30.64
C GLU D 161 16.30 -11.34 30.48
N TYR D 162 17.20 -11.07 29.55
CA TYR D 162 17.69 -9.72 29.31
C TYR D 162 16.70 -8.81 28.59
N PHE D 163 15.97 -9.36 27.62
CA PHE D 163 15.02 -8.55 26.87
C PHE D 163 13.64 -8.39 27.52
N THR D 164 12.59 -9.00 26.96
CA THR D 164 11.27 -8.78 27.54
C THR D 164 10.38 -9.97 27.84
N PHE D 165 10.60 -11.09 27.17
CA PHE D 165 9.76 -12.26 27.37
C PHE D 165 9.55 -12.70 28.81
N LYS D 166 10.63 -12.86 29.57
CA LYS D 166 10.51 -13.29 30.96
C LYS D 166 9.56 -12.38 31.73
N GLN D 167 9.83 -11.08 31.69
CA GLN D 167 8.99 -10.11 32.39
C GLN D 167 7.55 -10.17 31.86
N GLU D 168 7.39 -10.43 30.57
CA GLU D 168 6.05 -10.51 30.00
C GLU D 168 5.30 -11.68 30.63
N CYS D 169 5.96 -12.84 30.69
CA CYS D 169 5.37 -14.04 31.28
C CYS D 169 4.99 -13.82 32.73
N LYS D 170 5.88 -13.18 33.50
CA LYS D 170 5.63 -12.92 34.91
C LYS D 170 4.45 -11.99 35.17
N ILE D 171 4.32 -10.95 34.36
CA ILE D 171 3.23 -9.98 34.53
C ILE D 171 1.89 -10.53 34.03
N LYS D 172 1.88 -11.09 32.83
CA LYS D 172 0.64 -11.62 32.25
C LYS D 172 0.23 -12.98 32.80
N TYR D 173 1.20 -13.81 33.15
CA TYR D 173 0.92 -15.14 33.67
C TYR D 173 1.73 -15.42 34.92
N SER D 174 2.76 -16.26 34.78
CA SER D 174 3.61 -16.59 35.92
C SER D 174 4.95 -17.08 35.43
N GLU D 175 5.90 -17.25 36.35
CA GLU D 175 7.22 -17.74 35.98
C GLU D 175 7.13 -19.20 35.55
N ARG D 176 6.08 -19.89 35.98
CA ARG D 176 5.88 -21.29 35.60
C ARG D 176 5.66 -21.38 34.11
N VAL D 177 4.92 -20.40 33.57
CA VAL D 177 4.62 -20.32 32.15
C VAL D 177 5.92 -20.05 31.39
N TYR D 178 6.77 -19.23 32.00
CA TYR D 178 8.06 -18.90 31.42
C TYR D 178 8.91 -20.17 31.36
N ASP D 179 9.08 -20.83 32.50
CA ASP D 179 9.87 -22.05 32.55
C ASP D 179 9.41 -23.10 31.54
N ALA D 180 8.10 -23.23 31.39
CA ALA D 180 7.55 -24.19 30.44
C ALA D 180 7.95 -23.80 29.03
N CYS D 181 7.96 -22.51 28.72
CA CYS D 181 8.36 -22.06 27.40
C CYS D 181 9.84 -22.36 27.15
N MET D 182 10.66 -22.15 28.19
CA MET D 182 12.09 -22.42 28.08
C MET D 182 12.31 -23.91 27.79
N ASP D 183 11.51 -24.76 28.44
CA ASP D 183 11.60 -26.20 28.21
C ASP D 183 11.21 -26.52 26.77
N ALA D 184 10.16 -25.89 26.29
CA ALA D 184 9.67 -26.10 24.92
C ALA D 184 10.65 -25.57 23.88
N PHE D 185 11.27 -24.42 24.15
CA PHE D 185 12.22 -23.86 23.20
C PHE D 185 13.40 -24.79 22.99
N ASP D 186 13.76 -25.54 24.02
CA ASP D 186 14.87 -26.49 23.93
C ASP D 186 14.53 -27.62 22.96
N CYS D 187 13.24 -27.86 22.73
CA CYS D 187 12.79 -28.92 21.84
C CYS D 187 12.75 -28.50 20.37
N LEU D 188 12.69 -27.19 20.14
CA LEU D 188 12.62 -26.65 18.78
C LEU D 188 13.72 -27.12 17.83
N PRO D 189 13.32 -27.63 16.65
CA PRO D 189 14.28 -28.10 15.65
C PRO D 189 15.21 -26.94 15.25
N LEU D 190 16.42 -27.25 14.81
CA LEU D 190 17.37 -26.21 14.45
C LEU D 190 17.39 -25.83 12.98
N ALA D 191 16.96 -26.75 12.12
CA ALA D 191 16.98 -26.46 10.70
C ALA D 191 15.96 -27.27 9.93
N ALA D 192 15.88 -27.00 8.63
CA ALA D 192 14.96 -27.70 7.76
C ALA D 192 15.54 -27.80 6.36
N LEU D 193 15.35 -28.94 5.73
CA LEU D 193 15.77 -29.19 4.38
C LEU D 193 14.47 -29.06 3.63
N MET D 194 14.28 -27.96 2.90
CA MET D 194 13.03 -27.73 2.22
C MET D 194 13.05 -28.10 0.74
N ASN D 195 12.16 -29.01 0.37
CA ASN D 195 12.04 -29.51 -0.99
C ASN D 195 13.37 -30.02 -1.52
N GLN D 196 14.23 -30.50 -0.62
CA GLN D 196 15.54 -31.01 -0.99
C GLN D 196 16.33 -30.02 -1.83
N GLN D 197 16.17 -28.73 -1.54
CA GLN D 197 16.86 -27.68 -2.30
C GLN D 197 17.44 -26.58 -1.43
N PHE D 198 16.70 -26.23 -0.38
CA PHE D 198 17.12 -25.15 0.51
C PHE D 198 17.40 -25.58 1.94
N LEU D 199 18.46 -25.02 2.51
CA LEU D 199 18.79 -25.28 3.90
C LEU D 199 18.17 -24.09 4.61
N CYS D 200 17.27 -24.37 5.55
CA CYS D 200 16.58 -23.32 6.29
C CYS D 200 17.04 -23.26 7.74
N VAL D 201 17.53 -22.09 8.15
CA VAL D 201 18.00 -21.86 9.51
C VAL D 201 17.74 -20.40 9.89
N HIS D 202 17.74 -20.09 11.18
CA HIS D 202 17.52 -18.73 11.62
C HIS D 202 18.70 -17.85 11.25
N GLY D 203 19.88 -18.23 11.73
CA GLY D 203 21.08 -17.46 11.48
C GLY D 203 21.85 -17.81 10.22
N GLY D 204 22.51 -18.97 10.23
CA GLY D 204 23.27 -19.35 9.06
C GLY D 204 24.21 -20.53 9.20
N LEU D 205 25.35 -20.42 8.52
CA LEU D 205 26.34 -21.48 8.49
C LEU D 205 27.32 -21.51 9.64
N SER D 206 28.06 -22.60 9.70
CA SER D 206 29.06 -22.82 10.74
C SER D 206 30.31 -23.43 10.15
N PRO D 207 31.49 -22.99 10.61
CA PRO D 207 32.71 -23.58 10.08
C PRO D 207 32.77 -25.07 10.44
N GLU D 208 31.99 -25.44 11.46
CA GLU D 208 31.93 -26.82 11.94
C GLU D 208 30.81 -27.67 11.31
N ILE D 209 30.14 -27.12 10.29
CA ILE D 209 29.08 -27.86 9.61
C ILE D 209 29.37 -27.90 8.12
N ASN D 210 29.91 -29.02 7.66
CA ASN D 210 30.27 -29.19 6.25
C ASN D 210 29.19 -29.91 5.45
N THR D 211 28.34 -30.65 6.15
CA THR D 211 27.26 -31.38 5.48
C THR D 211 26.01 -31.28 6.33
N LEU D 212 24.89 -31.72 5.75
CA LEU D 212 23.62 -31.69 6.46
C LEU D 212 23.63 -32.71 7.60
N ASP D 213 24.45 -33.74 7.47
CA ASP D 213 24.50 -34.77 8.51
C ASP D 213 25.14 -34.24 9.79
N ASP D 214 25.98 -33.22 9.69
CA ASP D 214 26.61 -32.65 10.87
C ASP D 214 25.53 -32.09 11.79
N ILE D 215 24.48 -31.53 11.18
CA ILE D 215 23.37 -30.95 11.93
C ILE D 215 22.59 -32.03 12.66
N ARG D 216 22.53 -33.22 12.08
CA ARG D 216 21.81 -34.34 12.68
C ARG D 216 22.50 -34.87 13.93
N LYS D 217 23.82 -34.76 13.97
CA LYS D 217 24.60 -35.26 15.09
C LYS D 217 24.51 -34.42 16.35
N LEU D 218 24.10 -33.17 16.20
CA LEU D 218 24.00 -32.26 17.34
C LEU D 218 22.91 -32.64 18.34
N ASP D 219 23.13 -32.26 19.59
CA ASP D 219 22.17 -32.48 20.66
C ASP D 219 21.58 -31.09 20.91
N ARG D 220 20.33 -30.90 20.48
CA ARG D 220 19.68 -29.59 20.57
C ARG D 220 18.89 -29.30 21.84
N PHE D 221 18.63 -30.31 22.65
CA PHE D 221 17.83 -30.10 23.84
C PHE D 221 18.55 -29.46 25.02
N LYS D 222 18.86 -28.18 24.88
CA LYS D 222 19.55 -27.43 25.92
C LYS D 222 19.64 -25.95 25.57
N GLU D 223 20.11 -25.15 26.51
CA GLU D 223 20.30 -23.72 26.30
C GLU D 223 21.41 -23.65 25.24
N PRO D 224 21.28 -22.75 24.25
CA PRO D 224 22.33 -22.67 23.22
C PRO D 224 23.68 -22.25 23.82
N PRO D 225 24.77 -22.93 23.44
CA PRO D 225 26.08 -22.60 23.97
C PRO D 225 26.58 -21.26 23.39
N ALA D 226 27.60 -20.68 24.03
CA ALA D 226 28.15 -19.41 23.57
C ALA D 226 29.04 -19.62 22.35
N TYR D 227 29.30 -20.88 22.00
CA TYR D 227 30.10 -21.20 20.83
C TYR D 227 29.81 -22.61 20.33
N GLY D 228 30.16 -22.88 19.08
CA GLY D 228 29.91 -24.19 18.49
C GLY D 228 28.83 -24.19 17.42
N PRO D 229 28.68 -25.30 16.68
CA PRO D 229 27.69 -25.47 15.60
C PRO D 229 26.27 -24.98 15.91
N MET D 230 25.73 -25.39 17.04
CA MET D 230 24.38 -24.99 17.41
C MET D 230 24.30 -23.47 17.57
N CYS D 231 25.34 -22.89 18.13
CA CYS D 231 25.38 -21.44 18.32
C CYS D 231 25.42 -20.74 16.96
N ASP D 232 26.25 -21.24 16.05
CA ASP D 232 26.37 -20.64 14.73
C ASP D 232 25.10 -20.70 13.91
N ILE D 233 24.39 -21.81 14.00
CA ILE D 233 23.14 -21.98 13.25
C ILE D 233 22.15 -20.87 13.63
N LEU D 234 22.10 -20.58 14.93
CA LEU D 234 21.20 -19.58 15.49
C LEU D 234 21.68 -18.13 15.42
N TRP D 235 23.00 -17.92 15.38
CA TRP D 235 23.54 -16.57 15.46
C TRP D 235 24.30 -15.98 14.26
N SER D 236 24.81 -16.79 13.35
CA SER D 236 25.61 -16.25 12.25
C SER D 236 24.90 -15.33 11.25
N ASP D 237 25.68 -14.45 10.64
CA ASP D 237 25.22 -13.47 9.66
C ASP D 237 26.14 -13.46 8.45
N PRO D 238 25.63 -13.03 7.29
CA PRO D 238 26.52 -12.99 6.13
C PRO D 238 27.38 -11.74 6.34
N LEU D 239 28.56 -11.68 5.72
CA LEU D 239 29.41 -10.50 5.84
C LEU D 239 28.62 -9.26 5.39
N GLU D 240 28.98 -8.10 5.93
CA GLU D 240 28.34 -6.85 5.55
C GLU D 240 28.49 -6.66 4.04
N ASP D 241 29.69 -6.94 3.53
CA ASP D 241 29.97 -6.79 2.10
C ASP D 241 29.86 -8.12 1.36
N PHE D 242 29.01 -9.00 1.87
CA PHE D 242 28.78 -10.31 1.28
C PHE D 242 28.61 -10.23 -0.23
N GLY D 243 29.34 -11.10 -0.94
CA GLY D 243 29.27 -11.14 -2.39
C GLY D 243 30.28 -10.22 -3.06
N ASN D 244 30.62 -9.12 -2.39
CA ASN D 244 31.59 -8.15 -2.91
C ASN D 244 32.67 -8.03 -1.85
N GLU D 245 33.16 -9.17 -1.37
CA GLU D 245 34.18 -9.15 -0.32
C GLU D 245 35.60 -9.31 -0.81
N LYS D 246 36.45 -8.52 -0.18
CA LYS D 246 37.86 -8.51 -0.46
C LYS D 246 38.47 -9.23 0.75
N THR D 247 37.59 -9.87 1.53
CA THR D 247 37.98 -10.63 2.71
C THR D 247 38.06 -12.12 2.35
N GLN D 248 39.26 -12.66 2.46
CA GLN D 248 39.51 -14.06 2.11
C GLN D 248 39.05 -15.09 3.14
N GLU D 249 38.83 -14.67 4.37
CA GLU D 249 38.37 -15.61 5.40
C GLU D 249 36.90 -15.97 5.20
N HIS D 250 36.61 -17.26 5.13
CA HIS D 250 35.25 -17.75 4.97
C HIS D 250 34.38 -17.44 6.20
N PHE D 251 34.99 -17.59 7.38
CA PHE D 251 34.29 -17.34 8.62
C PHE D 251 35.15 -16.43 9.47
N THR D 252 34.58 -15.29 9.86
CA THR D 252 35.29 -14.33 10.69
C THR D 252 34.38 -14.06 11.87
N HIS D 253 34.96 -13.87 13.05
CA HIS D 253 34.14 -13.65 14.23
C HIS D 253 33.21 -12.46 14.18
N ASN D 254 31.98 -12.70 14.61
CA ASN D 254 30.92 -11.71 14.60
C ASN D 254 30.99 -10.76 15.78
N THR D 255 31.67 -9.64 15.61
CA THR D 255 31.80 -8.65 16.67
C THR D 255 30.48 -7.93 16.93
N VAL D 256 29.56 -7.97 15.97
CA VAL D 256 28.25 -7.34 16.14
C VAL D 256 27.38 -8.16 17.10
N ARG D 257 27.36 -9.48 16.91
CA ARG D 257 26.56 -10.34 17.78
C ARG D 257 27.27 -10.65 19.09
N GLY D 258 28.60 -10.60 19.09
CA GLY D 258 29.34 -10.91 20.30
C GLY D 258 29.65 -12.39 20.38
N CYS D 259 29.35 -13.11 19.31
CA CYS D 259 29.60 -14.54 19.24
C CYS D 259 29.39 -15.01 17.81
N SER D 260 29.78 -16.24 17.54
CA SER D 260 29.62 -16.83 16.22
C SER D 260 30.35 -16.07 15.10
N TYR D 261 29.88 -16.23 13.88
CA TYR D 261 30.58 -15.63 12.75
C TYR D 261 29.83 -14.83 11.71
N PHE D 262 30.63 -14.36 10.77
CA PHE D 262 30.25 -13.65 9.58
C PHE D 262 30.67 -14.61 8.50
N TYR D 263 29.77 -15.05 7.66
CA TYR D 263 30.18 -15.96 6.61
C TYR D 263 30.17 -15.20 5.29
N SER D 264 31.13 -15.54 4.43
CA SER D 264 31.28 -14.90 3.14
C SER D 264 30.52 -15.59 2.03
N TYR D 265 30.51 -14.96 0.87
CA TYR D 265 29.84 -15.49 -0.32
C TYR D 265 30.53 -16.81 -0.69
N PRO D 266 31.87 -16.85 -0.66
CA PRO D 266 32.55 -18.10 -1.02
C PRO D 266 32.19 -19.26 -0.09
N ALA D 267 32.14 -19.00 1.21
CA ALA D 267 31.80 -20.02 2.19
C ALA D 267 30.46 -20.64 1.86
N VAL D 268 29.47 -19.79 1.59
CA VAL D 268 28.13 -20.25 1.24
C VAL D 268 28.17 -21.06 -0.03
N CYS D 269 28.78 -20.51 -1.08
CA CYS D 269 28.88 -21.21 -2.35
C CYS D 269 29.55 -22.57 -2.22
N GLU D 270 30.65 -22.62 -1.48
CA GLU D 270 31.35 -23.88 -1.27
C GLU D 270 30.44 -24.88 -0.57
N PHE D 271 29.67 -24.38 0.39
CA PHE D 271 28.78 -25.25 1.14
C PHE D 271 27.57 -25.69 0.32
N LEU D 272 27.06 -24.80 -0.53
CA LEU D 272 25.91 -25.15 -1.35
C LEU D 272 26.27 -26.23 -2.37
N GLN D 273 27.36 -26.02 -3.10
CA GLN D 273 27.76 -27.01 -4.10
C GLN D 273 28.12 -28.35 -3.48
N HIS D 274 28.86 -28.32 -2.38
CA HIS D 274 29.26 -29.54 -1.70
C HIS D 274 28.09 -30.39 -1.22
N ASN D 275 26.95 -29.76 -0.95
CA ASN D 275 25.77 -30.47 -0.46
C ASN D 275 24.67 -30.52 -1.50
N ASN D 276 25.00 -30.12 -2.73
CA ASN D 276 24.04 -30.12 -3.83
C ASN D 276 22.74 -29.43 -3.44
N LEU D 277 22.88 -28.20 -2.95
CA LEU D 277 21.75 -27.40 -2.52
C LEU D 277 21.66 -26.16 -3.40
N LEU D 278 20.46 -25.57 -3.48
CA LEU D 278 20.28 -24.40 -4.31
C LEU D 278 20.50 -23.08 -3.58
N SER D 279 20.12 -23.01 -2.31
CA SER D 279 20.27 -21.74 -1.59
C SER D 279 20.01 -21.88 -0.09
N ILE D 280 20.49 -20.90 0.67
CA ILE D 280 20.29 -20.87 2.13
C ILE D 280 19.16 -19.86 2.45
N LEU D 281 18.11 -20.30 3.14
CA LEU D 281 17.04 -19.39 3.51
C LEU D 281 17.13 -19.12 5.01
N ARG D 282 17.26 -17.85 5.39
CA ARG D 282 17.38 -17.50 6.80
C ARG D 282 16.69 -16.18 7.13
N ALA D 283 16.69 -15.81 8.41
CA ALA D 283 16.07 -14.58 8.88
C ALA D 283 17.16 -13.86 9.67
N HIS D 284 16.91 -13.58 10.95
CA HIS D 284 17.93 -13.01 11.83
C HIS D 284 18.31 -11.52 11.62
N GLU D 285 18.10 -10.99 10.43
CA GLU D 285 18.43 -9.58 10.17
C GLU D 285 17.29 -8.82 9.49
N ALA D 286 16.83 -7.76 10.15
CA ALA D 286 15.74 -6.93 9.63
C ALA D 286 16.04 -6.33 8.25
N GLN D 287 15.02 -6.33 7.40
CA GLN D 287 15.15 -5.81 6.03
C GLN D 287 14.05 -4.79 5.76
N ASP D 288 14.41 -3.65 5.21
CA ASP D 288 13.43 -2.62 4.89
C ASP D 288 12.32 -3.13 3.98
N ALA D 289 12.68 -4.00 3.05
CA ALA D 289 11.72 -4.55 2.10
C ALA D 289 11.09 -5.87 2.57
N GLY D 290 11.45 -6.33 3.76
CA GLY D 290 10.90 -7.58 4.26
C GLY D 290 11.72 -8.79 3.84
N TYR D 291 12.70 -8.58 2.98
CA TYR D 291 13.54 -9.68 2.51
C TYR D 291 14.74 -9.15 1.74
N ARG D 292 15.68 -10.05 1.45
CA ARG D 292 16.86 -9.69 0.68
C ARG D 292 17.40 -10.91 -0.05
N MET D 293 17.83 -10.69 -1.28
CA MET D 293 18.41 -11.75 -2.09
C MET D 293 19.83 -11.32 -2.37
N TYR D 294 20.78 -12.13 -1.94
CA TYR D 294 22.19 -11.80 -2.11
C TYR D 294 22.75 -12.33 -3.41
N ARG D 295 24.02 -12.00 -3.69
CA ARG D 295 24.70 -12.41 -4.90
C ARG D 295 24.41 -13.84 -5.36
N LYS D 296 24.17 -13.98 -6.65
CA LYS D 296 23.89 -15.27 -7.25
C LYS D 296 25.10 -16.19 -7.21
N SER D 297 24.87 -17.46 -6.92
CA SER D 297 25.95 -18.43 -6.91
C SER D 297 26.39 -18.59 -8.37
N GLN D 298 27.67 -18.80 -8.60
CA GLN D 298 28.17 -18.96 -9.95
C GLN D 298 27.96 -20.38 -10.45
N THR D 299 27.45 -21.25 -9.58
CA THR D 299 27.20 -22.64 -9.93
C THR D 299 25.76 -22.88 -10.37
N THR D 300 24.82 -22.10 -9.85
CA THR D 300 23.41 -22.28 -10.20
C THR D 300 22.78 -21.01 -10.81
N GLY D 301 23.49 -19.89 -10.70
CA GLY D 301 22.96 -18.65 -11.22
C GLY D 301 21.79 -18.17 -10.39
N PHE D 302 21.61 -18.77 -9.21
CA PHE D 302 20.52 -18.42 -8.32
C PHE D 302 21.05 -17.75 -7.05
N PRO D 303 20.27 -16.83 -6.46
CA PRO D 303 20.73 -16.17 -5.23
C PRO D 303 21.28 -17.19 -4.21
N SER D 304 22.55 -17.02 -3.84
CA SER D 304 23.20 -17.94 -2.90
C SER D 304 22.62 -17.87 -1.49
N LEU D 305 22.02 -16.73 -1.17
CA LEU D 305 21.46 -16.50 0.15
C LEU D 305 20.21 -15.64 0.07
N ILE D 306 19.25 -15.93 0.93
CA ILE D 306 18.01 -15.17 0.99
C ILE D 306 17.65 -14.95 2.46
N THR D 307 17.38 -13.70 2.82
CA THR D 307 16.97 -13.38 4.19
C THR D 307 15.48 -13.04 4.18
N ILE D 308 14.71 -13.69 5.05
CA ILE D 308 13.28 -13.40 5.13
C ILE D 308 13.00 -12.78 6.50
N PHE D 309 12.34 -11.62 6.53
CA PHE D 309 12.05 -10.93 7.77
C PHE D 309 10.55 -10.58 7.83
N SER D 310 9.85 -11.16 8.79
CA SER D 310 8.41 -11.00 8.89
C SER D 310 7.79 -10.06 9.92
N ALA D 311 8.57 -9.14 10.48
CA ALA D 311 8.02 -8.21 11.46
C ALA D 311 7.97 -6.81 10.85
N PRO D 312 6.79 -6.39 10.36
CA PRO D 312 6.58 -5.07 9.73
C PRO D 312 6.70 -3.93 10.73
N ASN D 313 7.27 -2.80 10.30
CA ASN D 313 7.45 -1.63 11.17
C ASN D 313 8.02 -2.11 12.49
N TYR D 314 9.07 -2.91 12.37
CA TYR D 314 9.78 -3.51 13.49
C TYR D 314 10.05 -2.48 14.59
N LEU D 315 9.75 -2.85 15.82
CA LEU D 315 9.97 -1.99 16.97
C LEU D 315 9.19 -0.67 16.86
N ASP D 316 8.14 -0.67 16.04
CA ASP D 316 7.30 0.50 15.81
C ASP D 316 8.01 1.70 15.21
N VAL D 317 9.28 1.54 14.83
CA VAL D 317 10.04 2.65 14.26
C VAL D 317 10.64 2.46 12.87
N TYR D 318 10.98 1.23 12.51
CA TYR D 318 11.61 0.96 11.22
C TYR D 318 10.80 1.29 9.96
N ASN D 319 9.48 1.25 10.04
CA ASN D 319 8.63 1.54 8.88
C ASN D 319 8.94 0.58 7.73
N ASN D 320 9.46 -0.59 8.05
CA ASN D 320 9.83 -1.58 7.05
C ASN D 320 8.66 -2.48 6.68
N LYS D 321 8.70 -3.04 5.49
CA LYS D 321 7.68 -3.98 5.08
C LYS D 321 8.14 -5.33 5.62
N ALA D 322 7.20 -6.25 5.79
CA ALA D 322 7.53 -7.58 6.25
C ALA D 322 7.24 -8.45 5.04
N ALA D 323 7.71 -9.70 5.06
CA ALA D 323 7.45 -10.58 3.93
C ALA D 323 7.52 -12.04 4.32
N VAL D 324 6.88 -12.88 3.52
CA VAL D 324 6.88 -14.32 3.68
C VAL D 324 7.26 -14.88 2.32
N LEU D 325 7.86 -16.06 2.31
CA LEU D 325 8.27 -16.69 1.08
C LEU D 325 7.40 -17.90 0.81
N LYS D 326 6.50 -17.77 -0.16
CA LYS D 326 5.62 -18.86 -0.55
C LYS D 326 6.39 -19.59 -1.63
N TYR D 327 6.52 -20.89 -1.47
CA TYR D 327 7.28 -21.66 -2.44
C TYR D 327 6.59 -22.93 -2.91
N GLU D 328 6.90 -23.30 -4.15
CA GLU D 328 6.41 -24.51 -4.78
C GLU D 328 7.46 -24.76 -5.85
N ASN D 329 7.75 -26.03 -6.14
CA ASN D 329 8.78 -26.39 -7.12
C ASN D 329 9.12 -25.34 -8.18
N ASN D 330 10.32 -24.78 -8.05
CA ASN D 330 10.86 -23.77 -8.94
C ASN D 330 10.12 -22.43 -9.04
N VAL D 331 9.13 -22.21 -8.19
CA VAL D 331 8.39 -20.96 -8.20
C VAL D 331 8.39 -20.35 -6.81
N MET D 332 9.14 -19.26 -6.65
CA MET D 332 9.24 -18.58 -5.37
C MET D 332 8.48 -17.26 -5.42
N ASN D 333 7.48 -17.12 -4.56
CA ASN D 333 6.68 -15.90 -4.53
C ASN D 333 6.88 -15.12 -3.23
N ILE D 334 7.49 -13.96 -3.34
CA ILE D 334 7.75 -13.11 -2.18
C ILE D 334 6.56 -12.19 -1.94
N ARG D 335 5.82 -12.43 -0.87
CA ARG D 335 4.67 -11.61 -0.53
C ARG D 335 4.99 -10.66 0.62
N GLN D 336 4.78 -9.37 0.39
CA GLN D 336 5.06 -8.36 1.40
C GLN D 336 3.77 -7.86 2.07
N PHE D 337 3.92 -7.20 3.21
CA PHE D 337 2.78 -6.61 3.90
C PHE D 337 3.23 -5.55 4.89
N ASN D 338 2.33 -4.62 5.19
CA ASN D 338 2.62 -3.54 6.12
C ASN D 338 2.09 -3.86 7.51
N CYS D 339 2.52 -3.09 8.50
CA CYS D 339 2.10 -3.30 9.87
C CYS D 339 0.61 -3.06 10.11
N SER D 340 0.13 -3.53 11.25
CA SER D 340 -1.26 -3.38 11.65
C SER D 340 -1.34 -2.70 13.01
N PRO D 341 -2.51 -2.18 13.36
CA PRO D 341 -2.63 -1.52 14.67
C PRO D 341 -2.47 -2.52 15.82
N HIS D 342 -1.97 -2.05 16.96
CA HIS D 342 -1.83 -2.92 18.13
C HIS D 342 -1.98 -2.12 19.42
N PRO D 343 -2.47 -2.76 20.49
CA PRO D 343 -2.66 -2.07 21.78
C PRO D 343 -1.35 -1.48 22.33
N TYR D 344 -1.48 -0.52 23.24
CA TYR D 344 -0.34 0.15 23.84
C TYR D 344 0.08 -0.46 25.18
N TRP D 345 1.40 -0.52 25.41
CA TRP D 345 1.99 -1.06 26.64
C TRP D 345 3.13 -0.18 27.07
N LEU D 346 3.23 0.04 28.37
CA LEU D 346 4.33 0.83 28.93
C LEU D 346 5.55 -0.10 28.94
N PRO D 347 6.75 0.47 28.96
CA PRO D 347 7.97 -0.35 28.96
C PRO D 347 8.00 -1.33 30.15
N ASN D 348 8.59 -2.51 29.95
CA ASN D 348 8.69 -3.51 31.01
C ASN D 348 7.36 -4.02 31.54
N PHE D 349 6.29 -3.73 30.80
CA PHE D 349 4.95 -4.16 31.20
C PHE D 349 4.54 -3.57 32.55
N MET D 350 4.86 -2.30 32.77
CA MET D 350 4.51 -1.66 34.03
C MET D 350 3.05 -1.25 34.09
N ASP D 351 2.48 -1.23 35.29
CA ASP D 351 1.11 -0.79 35.48
C ASP D 351 1.24 0.69 35.81
N VAL D 352 0.17 1.46 35.64
CA VAL D 352 0.24 2.89 35.90
C VAL D 352 0.59 3.30 37.33
N PHE D 353 0.34 2.42 38.29
CA PHE D 353 0.66 2.76 39.68
C PHE D 353 2.16 2.69 39.94
N THR D 354 2.78 1.62 39.45
CA THR D 354 4.22 1.42 39.60
C THR D 354 4.96 2.49 38.81
N TRP D 355 4.35 2.94 37.72
CA TRP D 355 4.94 3.92 36.84
C TRP D 355 4.94 5.35 37.38
N SER D 356 3.86 5.72 38.07
CA SER D 356 3.74 7.08 38.59
C SER D 356 3.99 7.30 40.08
N LEU D 357 3.75 6.27 40.89
CA LEU D 357 3.93 6.40 42.32
C LEU D 357 5.27 7.06 42.69
N PRO D 358 6.37 6.65 42.04
CA PRO D 358 7.65 7.29 42.38
C PRO D 358 7.58 8.79 42.12
N PHE D 359 6.86 9.18 41.07
CA PHE D 359 6.70 10.58 40.71
C PHE D 359 5.82 11.30 41.71
N VAL D 360 4.71 10.66 42.07
CA VAL D 360 3.76 11.22 43.02
C VAL D 360 4.41 11.43 44.39
N GLY D 361 5.06 10.39 44.89
CA GLY D 361 5.71 10.48 46.19
C GLY D 361 6.78 11.56 46.21
N GLU D 362 7.33 11.84 45.03
CA GLU D 362 8.37 12.84 44.89
C GLU D 362 7.80 14.26 44.80
N LYS D 363 6.79 14.43 43.95
CA LYS D 363 6.16 15.73 43.79
C LYS D 363 5.47 16.23 45.05
N VAL D 364 4.78 15.35 45.75
CA VAL D 364 4.09 15.74 46.98
C VAL D 364 5.14 16.14 48.01
N THR D 365 6.17 15.31 48.16
CA THR D 365 7.23 15.58 49.11
C THR D 365 7.96 16.87 48.73
N GLU D 366 8.02 17.13 47.42
CA GLU D 366 8.68 18.32 46.90
C GLU D 366 7.85 19.56 47.25
N MET D 367 6.53 19.41 47.19
CA MET D 367 5.64 20.52 47.52
C MET D 367 5.73 20.90 49.00
N LEU D 368 5.61 19.91 49.87
CA LEU D 368 5.66 20.13 51.30
C LEU D 368 6.98 20.73 51.79
N VAL D 369 8.10 20.31 51.19
CA VAL D 369 9.40 20.83 51.59
C VAL D 369 9.47 22.34 51.34
N ASN D 370 8.96 22.80 50.21
CA ASN D 370 8.96 24.22 49.89
C ASN D 370 7.92 24.95 50.73
N VAL D 371 6.82 24.27 51.03
CA VAL D 371 5.76 24.85 51.84
C VAL D 371 6.27 25.11 53.26
N LEU D 372 7.13 24.22 53.74
CA LEU D 372 7.68 24.34 55.09
C LEU D 372 9.06 25.00 55.16
N ASN D 373 9.53 25.55 54.05
CA ASN D 373 10.82 26.22 54.02
C ASN D 373 10.73 27.60 53.36
N ASP E 2 7.08 18.47 70.54
CA ASP E 2 5.95 18.64 69.59
C ASP E 2 5.38 20.05 69.66
N ALA E 3 5.41 20.65 70.84
CA ALA E 3 4.89 22.01 71.04
C ALA E 3 5.62 23.03 70.17
N ASP E 4 6.88 22.75 69.86
CA ASP E 4 7.67 23.64 69.03
C ASP E 4 7.24 23.51 67.57
N GLU E 5 6.87 22.29 67.19
CA GLU E 5 6.43 22.02 65.83
C GLU E 5 5.26 22.90 65.42
N ILE E 6 4.25 22.98 66.29
CA ILE E 6 3.07 23.80 66.01
C ILE E 6 3.42 25.27 65.91
N LYS E 7 4.42 25.71 66.67
CA LYS E 7 4.83 27.11 66.62
C LYS E 7 5.50 27.39 65.29
N ARG E 8 6.35 26.46 64.85
CA ARG E 8 7.05 26.59 63.58
C ARG E 8 6.00 26.54 62.46
N LEU E 9 5.13 25.54 62.52
CA LEU E 9 4.07 25.38 61.52
C LEU E 9 3.15 26.59 61.56
N GLY E 10 2.97 27.16 62.76
CA GLY E 10 2.12 28.33 62.90
C GLY E 10 2.70 29.55 62.21
N LYS E 11 3.99 29.79 62.41
CA LYS E 11 4.66 30.93 61.77
C LYS E 11 4.63 30.74 60.26
N ARG E 12 4.83 29.49 59.83
CA ARG E 12 4.83 29.13 58.42
C ARG E 12 3.44 29.34 57.82
N PHE E 13 2.42 28.90 58.55
CA PHE E 13 1.03 29.03 58.10
C PHE E 13 0.70 30.50 57.92
N LYS E 14 1.15 31.33 58.86
CA LYS E 14 0.89 32.76 58.81
C LYS E 14 1.52 33.40 57.58
N LYS E 15 2.77 33.04 57.29
CA LYS E 15 3.47 33.58 56.13
C LYS E 15 2.70 33.29 54.84
N LEU E 16 2.37 32.02 54.63
CA LEU E 16 1.64 31.59 53.44
C LEU E 16 0.28 32.26 53.36
N ASP E 17 -0.26 32.64 54.52
CA ASP E 17 -1.57 33.29 54.59
C ASP E 17 -1.39 34.78 54.27
N LEU E 18 -1.23 35.09 52.98
CA LEU E 18 -1.04 36.45 52.50
C LEU E 18 -2.01 37.50 53.06
N ASP E 19 -3.30 37.24 52.93
CA ASP E 19 -4.31 38.18 53.41
C ASP E 19 -4.69 37.99 54.86
N ASN E 20 -4.14 36.97 55.50
CA ASN E 20 -4.41 36.68 56.91
C ASN E 20 -5.91 36.57 57.19
N SER E 21 -6.54 35.50 56.72
CA SER E 21 -7.97 35.29 56.95
C SER E 21 -8.17 34.05 57.83
N GLY E 22 -7.09 33.36 58.12
CA GLY E 22 -7.16 32.17 58.96
C GLY E 22 -7.04 30.87 58.19
N SER E 23 -7.33 30.92 56.89
CA SER E 23 -7.24 29.73 56.04
C SER E 23 -6.31 30.01 54.87
N LEU E 24 -6.00 28.98 54.10
CA LEU E 24 -5.12 29.11 52.94
C LEU E 24 -5.84 28.76 51.66
N SER E 25 -5.90 29.70 50.72
CA SER E 25 -6.57 29.49 49.44
C SER E 25 -5.61 28.94 48.38
N VAL E 26 -6.18 28.39 47.31
CA VAL E 26 -5.39 27.84 46.22
C VAL E 26 -4.51 28.93 45.63
N GLU E 27 -5.07 30.13 45.53
CA GLU E 27 -4.37 31.28 44.98
C GLU E 27 -3.06 31.55 45.72
N GLU E 28 -3.08 31.36 47.04
CA GLU E 28 -1.91 31.60 47.87
C GLU E 28 -0.85 30.51 47.75
N PHE E 29 -1.28 29.27 47.59
CA PHE E 29 -0.34 28.17 47.42
C PHE E 29 0.38 28.38 46.09
N MET E 30 -0.35 28.85 45.10
CA MET E 30 0.20 29.10 43.78
C MET E 30 1.02 30.38 43.73
N SER E 31 1.24 30.99 44.89
CA SER E 31 2.03 32.21 44.96
C SER E 31 3.50 31.80 44.95
N LEU E 32 3.78 30.66 45.56
CA LEU E 32 5.14 30.13 45.62
C LEU E 32 5.61 29.77 44.21
N PRO E 33 6.92 29.89 43.96
CA PRO E 33 7.51 29.57 42.65
C PRO E 33 7.52 28.09 42.28
N GLU E 34 7.58 27.21 43.27
CA GLU E 34 7.59 25.77 43.01
C GLU E 34 6.18 25.20 42.89
N LEU E 35 5.33 25.56 43.85
CA LEU E 35 3.95 25.09 43.87
C LEU E 35 3.08 25.65 42.74
N GLN E 36 3.62 25.67 41.53
CA GLN E 36 2.89 26.15 40.37
C GLN E 36 3.40 25.39 39.15
N GLN E 37 4.51 24.68 39.35
CA GLN E 37 5.12 23.86 38.31
C GLN E 37 4.84 22.40 38.67
N ASN E 38 4.34 22.20 39.88
CA ASN E 38 4.00 20.87 40.37
C ASN E 38 2.56 20.57 39.92
N PRO E 39 2.38 19.58 39.03
CA PRO E 39 1.07 19.20 38.51
C PRO E 39 0.12 18.57 39.53
N LEU E 40 0.63 18.25 40.71
CA LEU E 40 -0.17 17.63 41.76
C LEU E 40 -0.45 18.52 42.97
N VAL E 41 -0.24 19.82 42.83
CA VAL E 41 -0.48 20.75 43.93
C VAL E 41 -1.96 20.82 44.30
N GLN E 42 -2.81 20.93 43.28
CA GLN E 42 -4.25 21.00 43.50
C GLN E 42 -4.74 19.73 44.19
N ARG E 43 -4.18 18.59 43.80
CA ARG E 43 -4.56 17.31 44.39
C ARG E 43 -4.19 17.26 45.87
N VAL E 44 -3.07 17.86 46.22
CA VAL E 44 -2.62 17.87 47.60
C VAL E 44 -3.49 18.83 48.42
N ILE E 45 -3.81 19.98 47.83
CA ILE E 45 -4.65 20.96 48.51
C ILE E 45 -6.03 20.31 48.80
N ASP E 46 -6.55 19.61 47.80
CA ASP E 46 -7.84 18.96 47.90
C ASP E 46 -7.89 17.94 49.05
N ILE E 47 -6.83 17.17 49.21
CA ILE E 47 -6.73 16.18 50.27
C ILE E 47 -6.60 16.83 51.64
N PHE E 48 -5.79 17.89 51.74
CA PHE E 48 -5.62 18.62 53.00
C PHE E 48 -6.96 19.27 53.36
N ASP E 49 -7.69 19.70 52.34
CA ASP E 49 -8.99 20.33 52.51
C ASP E 49 -10.03 19.30 52.93
N THR E 50 -9.97 18.93 54.21
CA THR E 50 -10.87 17.93 54.78
C THR E 50 -12.37 18.25 54.78
N ASP E 51 -12.75 19.49 55.11
CA ASP E 51 -14.16 19.83 55.13
C ASP E 51 -14.72 20.31 53.78
N GLY E 52 -13.86 20.33 52.76
CA GLY E 52 -14.29 20.72 51.43
C GLY E 52 -14.72 22.16 51.22
N ASN E 53 -14.17 23.10 51.97
CA ASN E 53 -14.54 24.50 51.82
C ASN E 53 -13.68 25.19 50.76
N GLY E 54 -12.85 24.40 50.07
CA GLY E 54 -11.99 24.95 49.04
C GLY E 54 -10.66 25.47 49.56
N GLU E 55 -10.60 25.75 50.86
CA GLU E 55 -9.38 26.27 51.48
C GLU E 55 -8.80 25.33 52.52
N VAL E 56 -7.66 25.70 53.09
CA VAL E 56 -7.00 24.88 54.11
C VAL E 56 -6.78 25.69 55.38
N ASP E 57 -7.49 25.35 56.45
CA ASP E 57 -7.32 26.07 57.71
C ASP E 57 -6.08 25.50 58.42
N PHE E 58 -5.73 26.09 59.56
CA PHE E 58 -4.55 25.66 60.31
C PHE E 58 -4.57 24.22 60.82
N LYS E 59 -5.70 23.78 61.36
CA LYS E 59 -5.78 22.41 61.86
C LYS E 59 -5.54 21.41 60.73
N GLU E 60 -6.17 21.64 59.58
CA GLU E 60 -6.00 20.77 58.42
C GLU E 60 -4.55 20.82 57.95
N PHE E 61 -3.95 21.99 58.05
CA PHE E 61 -2.58 22.19 57.66
C PHE E 61 -1.73 21.28 58.54
N ILE E 62 -2.05 21.26 59.82
CA ILE E 62 -1.33 20.43 60.77
C ILE E 62 -1.55 18.94 60.54
N GLU E 63 -2.79 18.55 60.31
CA GLU E 63 -3.08 17.14 60.08
C GLU E 63 -2.48 16.66 58.75
N GLY E 64 -2.43 17.56 57.78
CA GLY E 64 -1.88 17.20 56.48
C GLY E 64 -0.39 16.94 56.59
N VAL E 65 0.33 17.90 57.15
CA VAL E 65 1.78 17.79 57.33
C VAL E 65 2.17 16.57 58.16
N SER E 66 1.34 16.23 59.15
CA SER E 66 1.62 15.09 60.03
C SER E 66 1.65 13.74 59.31
N GLN E 67 1.02 13.65 58.14
CA GLN E 67 1.01 12.40 57.38
C GLN E 67 2.44 12.13 56.89
N PHE E 68 3.20 13.21 56.70
CA PHE E 68 4.57 13.12 56.24
C PHE E 68 5.53 13.35 57.41
N SER E 69 5.68 12.34 58.26
CA SER E 69 6.56 12.45 59.40
C SER E 69 7.35 11.17 59.61
N VAL E 70 8.45 11.27 60.36
CA VAL E 70 9.28 10.12 60.66
C VAL E 70 8.57 9.26 61.70
N LYS E 71 7.47 9.79 62.22
CA LYS E 71 6.66 9.11 63.22
C LYS E 71 5.68 8.19 62.51
N GLY E 72 5.19 8.62 61.36
CA GLY E 72 4.24 7.85 60.59
C GLY E 72 4.83 6.57 60.02
N ASP E 73 3.97 5.72 59.48
CA ASP E 73 4.40 4.46 58.90
C ASP E 73 3.89 4.27 57.48
N LYS E 74 4.23 3.13 56.90
CA LYS E 74 3.83 2.77 55.54
C LYS E 74 2.33 2.95 55.33
N GLU E 75 1.55 2.57 56.33
CA GLU E 75 0.09 2.67 56.26
C GLU E 75 -0.41 4.04 55.80
N GLN E 76 -0.29 5.05 56.67
CA GLN E 76 -0.76 6.38 56.33
C GLN E 76 -0.09 6.98 55.09
N LYS E 77 1.18 6.66 54.88
CA LYS E 77 1.90 7.17 53.73
C LYS E 77 1.21 6.73 52.44
N LEU E 78 0.89 5.44 52.36
CA LEU E 78 0.22 4.88 51.20
C LEU E 78 -1.21 5.39 51.07
N ARG E 79 -1.87 5.58 52.20
CA ARG E 79 -3.25 6.08 52.19
C ARG E 79 -3.25 7.46 51.55
N PHE E 80 -2.23 8.26 51.85
CA PHE E 80 -2.13 9.59 51.28
C PHE E 80 -1.89 9.42 49.78
N ALA E 81 -1.06 8.44 49.43
CA ALA E 81 -0.76 8.16 48.03
C ALA E 81 -2.05 7.78 47.31
N PHE E 82 -2.80 6.87 47.92
CA PHE E 82 -4.06 6.40 47.39
C PHE E 82 -5.03 7.57 47.17
N ARG E 83 -5.05 8.50 48.12
CA ARG E 83 -5.93 9.65 48.04
C ARG E 83 -5.66 10.58 46.86
N ILE E 84 -4.43 10.54 46.35
CA ILE E 84 -4.06 11.37 45.21
C ILE E 84 -4.88 10.92 43.99
N TYR E 85 -4.97 9.61 43.79
CA TYR E 85 -5.73 9.05 42.66
C TYR E 85 -7.22 9.09 42.91
N ASP E 86 -7.61 8.85 44.16
CA ASP E 86 -9.01 8.84 44.56
C ASP E 86 -9.53 10.28 44.68
N MET E 87 -10.01 10.81 43.57
CA MET E 87 -10.51 12.19 43.52
C MET E 87 -11.79 12.54 44.28
N ASP E 88 -12.84 11.73 44.15
CA ASP E 88 -14.07 12.05 44.86
C ASP E 88 -14.06 11.59 46.32
N LYS E 89 -12.97 10.95 46.72
CA LYS E 89 -12.77 10.46 48.09
C LYS E 89 -13.75 9.39 48.59
N ASP E 90 -14.24 8.52 47.72
CA ASP E 90 -15.18 7.49 48.17
C ASP E 90 -14.52 6.17 48.55
N GLY E 91 -13.19 6.17 48.65
CA GLY E 91 -12.49 4.96 49.02
C GLY E 91 -12.21 3.99 47.88
N TYR E 92 -12.40 4.44 46.65
CA TYR E 92 -12.15 3.62 45.49
C TYR E 92 -11.48 4.44 44.40
N ILE E 93 -10.74 3.81 43.51
CA ILE E 93 -10.12 4.55 42.42
C ILE E 93 -10.82 4.06 41.17
N SER E 94 -11.64 4.92 40.58
CA SER E 94 -12.37 4.55 39.38
C SER E 94 -11.48 4.68 38.16
N ASN E 95 -11.93 4.10 37.06
CA ASN E 95 -11.21 4.13 35.81
C ASN E 95 -10.93 5.56 35.36
N GLY E 96 -11.96 6.40 35.40
CA GLY E 96 -11.83 7.79 35.00
C GLY E 96 -10.88 8.57 35.87
N GLU E 97 -10.95 8.36 37.18
CA GLU E 97 -10.08 9.07 38.10
C GLU E 97 -8.61 8.76 37.84
N LEU E 98 -8.30 7.50 37.56
CA LEU E 98 -6.92 7.11 37.31
C LEU E 98 -6.43 7.76 36.02
N PHE E 99 -7.31 7.83 35.03
CA PHE E 99 -6.99 8.45 33.75
C PHE E 99 -6.68 9.95 33.95
N GLN E 100 -7.60 10.64 34.62
CA GLN E 100 -7.47 12.07 34.87
C GLN E 100 -6.21 12.45 35.65
N VAL E 101 -5.96 11.75 36.74
CA VAL E 101 -4.80 12.02 37.56
C VAL E 101 -3.53 11.74 36.76
N LEU E 102 -3.54 10.68 35.95
CA LEU E 102 -2.38 10.34 35.14
C LEU E 102 -2.19 11.40 34.05
N LYS E 103 -3.31 11.88 33.51
CA LYS E 103 -3.28 12.91 32.48
C LYS E 103 -2.57 14.14 33.04
N MET E 104 -2.78 14.40 34.33
CA MET E 104 -2.16 15.54 35.01
C MET E 104 -0.62 15.46 35.00
N MET E 105 -0.10 14.27 35.30
CA MET E 105 1.34 14.06 35.35
C MET E 105 1.98 13.82 33.99
N VAL E 106 1.29 13.08 33.12
CA VAL E 106 1.82 12.77 31.81
C VAL E 106 1.59 13.87 30.77
N GLY E 107 0.57 14.68 30.99
CA GLY E 107 0.28 15.74 30.05
C GLY E 107 -0.10 15.17 28.69
N ASN E 108 0.45 15.75 27.62
CA ASN E 108 0.14 15.27 26.28
C ASN E 108 1.16 14.28 25.71
N ASN E 109 2.04 13.75 26.56
CA ASN E 109 3.03 12.80 26.08
C ASN E 109 2.47 11.45 25.64
N LEU E 110 1.20 11.21 25.99
CA LEU E 110 0.51 9.98 25.59
C LEU E 110 -0.81 10.38 24.98
N LYS E 111 -1.23 9.66 23.94
CA LYS E 111 -2.50 9.93 23.29
C LYS E 111 -3.60 9.40 24.22
N ASP E 112 -4.83 9.88 24.06
CA ASP E 112 -5.92 9.43 24.91
C ASP E 112 -6.13 7.92 24.85
N THR E 113 -6.15 7.37 23.64
CA THR E 113 -6.36 5.93 23.48
C THR E 113 -5.22 5.14 24.12
N GLN E 114 -4.00 5.68 24.05
CA GLN E 114 -2.86 5.01 24.65
C GLN E 114 -2.96 4.99 26.17
N LEU E 115 -3.27 6.15 26.75
CA LEU E 115 -3.40 6.25 28.20
C LEU E 115 -4.56 5.44 28.73
N GLN E 116 -5.65 5.40 27.97
CA GLN E 116 -6.83 4.64 28.36
C GLN E 116 -6.54 3.14 28.39
N GLN E 117 -5.86 2.64 27.36
CA GLN E 117 -5.55 1.22 27.29
C GLN E 117 -4.69 0.74 28.46
N ILE E 118 -3.70 1.53 28.86
CA ILE E 118 -2.84 1.12 29.98
C ILE E 118 -3.58 1.31 31.30
N VAL E 119 -4.64 2.12 31.28
CA VAL E 119 -5.43 2.34 32.49
C VAL E 119 -6.30 1.10 32.66
N ASP E 120 -6.86 0.61 31.56
CA ASP E 120 -7.69 -0.57 31.59
C ASP E 120 -6.91 -1.79 32.07
N LYS E 121 -5.74 -2.00 31.48
CA LYS E 121 -4.93 -3.15 31.83
C LYS E 121 -4.45 -3.05 33.27
N THR E 122 -4.24 -1.83 33.75
CA THR E 122 -3.80 -1.64 35.13
C THR E 122 -4.93 -2.07 36.07
N ILE E 123 -6.14 -1.63 35.76
CA ILE E 123 -7.29 -1.98 36.58
C ILE E 123 -7.61 -3.47 36.50
N ILE E 124 -7.62 -4.03 35.30
CA ILE E 124 -7.91 -5.45 35.13
C ILE E 124 -6.96 -6.31 35.94
N ASN E 125 -5.68 -5.92 35.96
CA ASN E 125 -4.66 -6.65 36.70
C ASN E 125 -4.83 -6.59 38.23
N ALA E 126 -5.18 -5.42 38.75
CA ALA E 126 -5.32 -5.24 40.19
C ALA E 126 -6.72 -5.45 40.77
N ASP E 127 -7.74 -5.35 39.92
CA ASP E 127 -9.13 -5.50 40.34
C ASP E 127 -9.52 -6.94 40.67
N LYS E 128 -9.18 -7.37 41.88
CA LYS E 128 -9.45 -8.74 42.32
C LYS E 128 -10.90 -9.13 42.63
N ASP E 129 -11.80 -8.16 42.76
CA ASP E 129 -13.19 -8.52 43.02
C ASP E 129 -14.08 -8.28 41.81
N GLY E 130 -13.50 -7.72 40.75
CA GLY E 130 -14.24 -7.48 39.52
C GLY E 130 -15.30 -6.41 39.50
N ASP E 131 -15.20 -5.40 40.37
CA ASP E 131 -16.19 -4.33 40.38
C ASP E 131 -15.75 -3.18 39.46
N GLY E 132 -14.67 -3.40 38.72
CA GLY E 132 -14.17 -2.40 37.79
C GLY E 132 -13.44 -1.21 38.38
N ARG E 133 -13.15 -1.22 39.68
CA ARG E 133 -12.44 -0.11 40.31
C ARG E 133 -11.36 -0.60 41.27
N ILE E 134 -10.66 0.32 41.94
CA ILE E 134 -9.57 -0.06 42.83
C ILE E 134 -9.75 0.38 44.28
N SER E 135 -9.76 -0.59 45.19
CA SER E 135 -9.91 -0.30 46.61
C SER E 135 -8.52 -0.13 47.20
N PHE E 136 -8.45 0.45 48.39
CA PHE E 136 -7.16 0.67 49.03
C PHE E 136 -6.37 -0.63 49.14
N GLU E 137 -7.04 -1.72 49.51
CA GLU E 137 -6.39 -3.03 49.64
C GLU E 137 -5.71 -3.45 48.35
N GLU E 138 -6.44 -3.35 47.24
CA GLU E 138 -5.90 -3.73 45.93
C GLU E 138 -4.76 -2.82 45.51
N PHE E 139 -4.84 -1.57 45.95
CA PHE E 139 -3.81 -0.59 45.64
C PHE E 139 -2.53 -1.03 46.32
N CYS E 140 -2.64 -1.35 47.61
CA CYS E 140 -1.48 -1.80 48.39
C CYS E 140 -0.89 -3.07 47.80
N ALA E 141 -1.72 -3.86 47.12
CA ALA E 141 -1.27 -5.10 46.52
C ALA E 141 -0.35 -4.85 45.33
N VAL E 142 -0.63 -3.79 44.58
CA VAL E 142 0.18 -3.45 43.41
C VAL E 142 1.44 -2.67 43.78
N VAL E 143 1.28 -1.63 44.57
CA VAL E 143 2.40 -0.79 44.99
C VAL E 143 2.71 -0.94 46.47
N GLY E 144 3.49 -1.95 46.80
CA GLY E 144 3.85 -2.18 48.20
C GLY E 144 5.32 -2.51 48.36
N GLY E 145 5.88 -3.23 47.39
CA GLY E 145 7.27 -3.60 47.45
C GLY E 145 8.21 -2.51 46.97
N LEU E 146 7.64 -1.41 46.47
CA LEU E 146 8.43 -0.30 45.97
C LEU E 146 9.04 0.51 47.12
N ASP E 147 8.30 0.60 48.22
CA ASP E 147 8.74 1.34 49.40
C ASP E 147 8.81 2.84 49.13
N ILE E 148 7.82 3.37 48.42
CA ILE E 148 7.76 4.78 48.08
C ILE E 148 7.57 5.64 49.33
N HIS E 149 6.94 5.06 50.34
CA HIS E 149 6.67 5.75 51.60
C HIS E 149 7.94 6.27 52.29
N LYS E 150 9.07 5.62 52.02
CA LYS E 150 10.34 6.02 52.62
C LYS E 150 10.81 7.39 52.17
N LYS E 151 10.41 7.81 50.97
CA LYS E 151 10.81 9.10 50.43
C LYS E 151 9.76 10.17 50.74
N MET E 152 8.64 9.77 51.32
CA MET E 152 7.57 10.69 51.66
C MET E 152 7.71 11.16 53.11
N VAL E 153 8.73 11.98 53.36
CA VAL E 153 9.00 12.51 54.69
C VAL E 153 9.47 13.95 54.57
N VAL E 154 8.99 14.81 55.48
CA VAL E 154 9.39 16.21 55.48
C VAL E 154 9.67 16.70 56.90
#